data_6KXV
#
_entry.id   6KXV
#
_cell.length_a   101.903
_cell.length_b   101.101
_cell.length_c   175.526
_cell.angle_alpha   90.000
_cell.angle_beta   90.000
_cell.angle_gamma   90.000
#
_symmetry.space_group_name_H-M   'P 21 21 21'
#
loop_
_entity.id
_entity.type
_entity.pdbx_description
1 polymer 'Histone H3'
2 polymer 'Histone H4'
3 polymer 'Histone H2A type 1-B/E'
4 polymer 'Histone H2B type 1-J'
5 polymer 'DNA (146-MER)'
#
loop_
_entity_poly.entity_id
_entity_poly.type
_entity_poly.pdbx_seq_one_letter_code
_entity_poly.pdbx_strand_id
1 'polypeptide(L)'
;GSHMSRTKETARAKRTITSKKSKKAPSAVSGVKMSHRRWRPGTCAIREIRKFQKSTSLLIQCAPFQRLVREVSSAQKEGL
RFQSSAIMALQEATEAYIVSLMADTNLACIHAKRVTIQPKDIQLALRLRGERH
;
A,E
2 'polypeptide(L)'
;GSHMSGRGKGGKGLGKGGAKRHRKVLRDNIQGITKPAIRRLARRGGVKRISGLIYEETRGVLKVFLENVIRDAVTYTEHA
KRKTVTAMDVVYALKRQGRTLYGFGG
;
B,F
3 'polypeptide(L)'
;GSHMSGRGKQGGKARAKAKTRSSRAGLQFPVGRVHRLLRKGNYSERVGAGAPVYLAAVLEYLTAEILELAGNAARDNKKT
RIIPRHLQLAIRNDEELNKLLGRVTIAQGGVLPNIQAVLLPKKTESHHKAKGK
;
C,G
4 'polypeptide(L)'
;GSHMPEPAKSAPAPKKGSKKAVTKAQKKDGKKRKRSRKESYSIYVYKVLKQVHPDTGISSKAMGIMNSFVNDIFERIAGE
ASRLAHYNKRSTITSREIQTAVRLLLPGELAKHAVSEGTKAVTKYTSAK
;
D,H
5 'polydeoxyribonucleotide'
;(DA)(DT)(DC)(DA)(DA)(DT)(DA)(DT)(DC)(DC)(DA)(DC)(DC)(DT)(DG)(DC)(DA)(DG)(DA)(DT)
(DT)(DC)(DT)(DA)(DC)(DC)(DA)(DA)(DA)(DA)(DG)(DT)(DG)(DT)(DA)(DT)(DT)(DT)(DG)(DG)
(DA)(DA)(DA)(DC)(DT)(DG)(DC)(DT)(DC)(DC)(DA)(DT)(DC)(DA)(DA)(DA)(DA)(DG)(DG)(DC)
(DA)(DT)(DG)(DT)(DT)(DC)(DA)(DG)(DC)(DT)(DG)(DA)(DA)(DT)(DT)(DC)(DA)(DG)(DC)(DT)
(DG)(DA)(DA)(DC)(DA)(DT)(DG)(DC)(DC)(DT)(DT)(DT)(DT)(DG)(DA)(DT)(DG)(DG)(DA)(DG)
(DC)(DA)(DG)(DT)(DT)(DT)(DC)(DC)(DA)(DA)(DA)(DT)(DA)(DC)(DA)(DC)(DT)(DT)(DT)(DT)
(DG)(DG)(DT)(DA)(DG)(DA)(DA)(DT)(DC)(DT)(DG)(DC)(DA)(DG)(DG)(DT)(DG)(DG)(DA)(DT)
(DA)(DT)(DT)(DG)(DA)(DT)
;
I,J
#
loop_
_chem_comp.id
_chem_comp.type
_chem_comp.name
_chem_comp.formula
DA DNA linking 2'-DEOXYADENOSINE-5'-MONOPHOSPHATE 'C10 H14 N5 O6 P'
DC DNA linking 2'-DEOXYCYTIDINE-5'-MONOPHOSPHATE 'C9 H14 N3 O7 P'
DG DNA linking 2'-DEOXYGUANOSINE-5'-MONOPHOSPHATE 'C10 H14 N5 O7 P'
DT DNA linking THYMIDINE-5'-MONOPHOSPHATE 'C10 H15 N2 O8 P'
#
# COMPACT_ATOMS: atom_id res chain seq x y z
N ARG A 38 -35.59 -35.59 -1.91
CA ARG A 38 -35.13 -34.41 -2.63
C ARG A 38 -34.63 -33.38 -1.61
N TRP A 39 -33.44 -32.85 -1.84
CA TRP A 39 -32.81 -31.94 -0.89
C TRP A 39 -33.40 -30.54 -0.97
N ARG A 40 -33.47 -29.89 0.19
CA ARG A 40 -33.93 -28.51 0.25
C ARG A 40 -32.97 -27.60 -0.50
N PRO A 41 -33.48 -26.51 -1.08
CA PRO A 41 -32.60 -25.56 -1.76
C PRO A 41 -31.72 -24.85 -0.74
N GLY A 42 -30.43 -24.75 -1.05
CA GLY A 42 -29.45 -24.24 -0.14
C GLY A 42 -28.71 -25.31 0.65
N THR A 43 -29.29 -26.50 0.79
CA THR A 43 -28.61 -27.57 1.51
C THR A 43 -27.49 -28.18 0.69
N CYS A 44 -27.78 -28.58 -0.55
CA CYS A 44 -26.73 -29.03 -1.44
C CYS A 44 -25.71 -27.93 -1.72
N ALA A 45 -26.13 -26.66 -1.62
CA ALA A 45 -25.21 -25.55 -1.81
C ALA A 45 -24.30 -25.37 -0.60
N ILE A 46 -24.85 -25.44 0.60
CA ILE A 46 -24.05 -25.26 1.81
C ILE A 46 -23.02 -26.36 1.95
N ARG A 47 -23.43 -27.62 1.74
CA ARG A 47 -22.48 -28.71 1.86
C ARG A 47 -21.49 -28.73 0.70
N GLU A 48 -21.81 -28.05 -0.41
CA GLU A 48 -20.81 -27.78 -1.44
C GLU A 48 -19.77 -26.78 -0.93
N ILE A 49 -20.20 -25.76 -0.20
CA ILE A 49 -19.27 -24.76 0.34
C ILE A 49 -18.16 -25.44 1.13
N ARG A 50 -18.50 -26.50 1.85
CA ARG A 50 -17.51 -27.24 2.62
C ARG A 50 -16.52 -27.96 1.70
N LYS A 51 -17.03 -28.55 0.61
CA LYS A 51 -16.14 -29.21 -0.34
C LYS A 51 -15.06 -28.26 -0.83
N PHE A 52 -15.46 -27.09 -1.32
CA PHE A 52 -14.52 -26.17 -1.95
C PHE A 52 -13.68 -25.40 -0.93
N GLN A 53 -14.22 -25.17 0.28
CA GLN A 53 -13.39 -24.57 1.32
C GLN A 53 -12.44 -25.56 1.95
N LYS A 54 -12.64 -26.87 1.74
CA LYS A 54 -11.68 -27.86 2.18
C LYS A 54 -10.64 -28.19 1.11
N SER A 55 -11.03 -28.19 -0.16
CA SER A 55 -10.09 -28.50 -1.23
C SER A 55 -9.26 -27.27 -1.60
N THR A 56 -8.16 -27.52 -2.32
CA THR A 56 -7.28 -26.45 -2.78
C THR A 56 -7.00 -26.48 -4.28
N SER A 57 -7.43 -27.52 -4.99
CA SER A 57 -7.13 -27.65 -6.41
C SER A 57 -7.74 -26.49 -7.19
N LEU A 58 -7.30 -26.34 -8.44
CA LEU A 58 -7.79 -25.26 -9.29
C LEU A 58 -9.28 -25.42 -9.56
N LEU A 59 -10.03 -24.36 -9.34
CA LEU A 59 -11.48 -24.37 -9.53
C LEU A 59 -11.90 -23.94 -10.91
N ILE A 60 -10.96 -23.55 -11.77
CA ILE A 60 -11.25 -23.15 -13.14
C ILE A 60 -10.61 -24.16 -14.08
N GLN A 61 -11.32 -24.48 -15.17
CA GLN A 61 -10.77 -25.34 -16.20
C GLN A 61 -9.56 -24.66 -16.85
N CYS A 62 -8.47 -25.41 -16.98
CA CYS A 62 -7.22 -24.81 -17.43
C CYS A 62 -7.27 -24.41 -18.90
N ALA A 63 -8.01 -25.16 -19.73
CA ALA A 63 -8.01 -24.85 -21.16
C ALA A 63 -8.68 -23.52 -21.48
N PRO A 64 -9.88 -23.20 -20.96
CA PRO A 64 -10.45 -21.88 -21.26
C PRO A 64 -9.67 -20.72 -20.64
N PHE A 65 -9.00 -20.94 -19.50
CA PHE A 65 -8.23 -19.87 -18.88
C PHE A 65 -7.01 -19.50 -19.71
N GLN A 66 -6.35 -20.48 -20.33
CA GLN A 66 -5.20 -20.16 -21.17
C GLN A 66 -5.63 -19.50 -22.48
N ARG A 67 -6.81 -19.87 -22.99
CA ARG A 67 -7.33 -19.23 -24.18
C ARG A 67 -7.53 -17.74 -23.97
N LEU A 68 -8.05 -17.36 -22.80
CA LEU A 68 -8.29 -15.95 -22.52
C LEU A 68 -7.00 -15.20 -22.27
N VAL A 69 -6.07 -15.81 -21.52
CA VAL A 69 -4.79 -15.18 -21.22
C VAL A 69 -4.06 -14.82 -22.50
N ARG A 70 -4.00 -15.77 -23.44
CA ARG A 70 -3.33 -15.49 -24.71
C ARG A 70 -4.09 -14.50 -25.57
N GLU A 71 -5.43 -14.48 -25.45
CA GLU A 71 -6.21 -13.45 -26.12
C GLU A 71 -5.80 -12.06 -25.67
N VAL A 72 -5.73 -11.82 -24.36
CA VAL A 72 -5.38 -10.50 -23.87
C VAL A 72 -3.92 -10.20 -24.16
N SER A 73 -3.05 -11.20 -24.00
CA SER A 73 -1.62 -11.00 -24.23
C SER A 73 -1.35 -10.62 -25.68
N SER A 74 -2.01 -11.28 -26.62
CA SER A 74 -1.89 -10.88 -28.02
C SER A 74 -2.63 -9.58 -28.30
N ALA A 75 -3.60 -9.21 -27.46
CA ALA A 75 -4.24 -7.92 -27.60
C ALA A 75 -3.30 -6.77 -27.23
N GLN A 76 -2.36 -7.01 -26.32
CA GLN A 76 -1.40 -5.96 -25.96
C GLN A 76 -0.07 -6.09 -26.69
N LYS A 77 0.27 -7.27 -27.20
CA LYS A 77 1.50 -7.50 -27.95
C LYS A 77 1.46 -8.87 -28.62
N GLU A 78 1.62 -8.89 -29.94
CA GLU A 78 1.51 -10.14 -30.69
C GLU A 78 2.78 -10.97 -30.58
N GLY A 79 2.61 -12.29 -30.71
CA GLY A 79 3.72 -13.22 -30.71
C GLY A 79 4.47 -13.33 -29.40
N LEU A 80 3.75 -13.39 -28.29
CA LEU A 80 4.33 -13.57 -26.97
C LEU A 80 4.15 -15.00 -26.51
N ARG A 81 5.17 -15.55 -25.88
CA ARG A 81 5.14 -16.92 -25.38
C ARG A 81 5.00 -16.91 -23.87
N PHE A 82 4.67 -18.08 -23.32
CA PHE A 82 4.41 -18.18 -21.88
C PHE A 82 5.06 -19.41 -21.29
N GLN A 83 5.72 -19.24 -20.15
CA GLN A 83 6.15 -20.37 -19.35
C GLN A 83 4.94 -21.11 -18.79
N SER A 84 5.03 -22.44 -18.72
CA SER A 84 3.97 -23.23 -18.12
C SER A 84 3.69 -22.79 -16.68
N SER A 85 4.75 -22.42 -15.96
CA SER A 85 4.58 -21.92 -14.59
C SER A 85 3.93 -20.55 -14.57
N ALA A 86 4.17 -19.72 -15.60
CA ALA A 86 3.68 -18.35 -15.57
C ALA A 86 2.17 -18.29 -15.62
N ILE A 87 1.54 -19.15 -16.43
CA ILE A 87 0.08 -19.13 -16.54
C ILE A 87 -0.56 -19.67 -15.28
N MET A 88 0.07 -20.64 -14.62
CA MET A 88 -0.44 -21.13 -13.34
C MET A 88 -0.47 -20.01 -12.29
N ALA A 89 0.47 -19.07 -12.36
CA ALA A 89 0.48 -17.95 -11.44
C ALA A 89 -0.76 -17.08 -11.63
N LEU A 90 -1.16 -16.86 -12.89
CA LEU A 90 -2.34 -16.05 -13.16
C LEU A 90 -3.60 -16.69 -12.58
N GLN A 91 -3.74 -18.01 -12.73
CA GLN A 91 -4.95 -18.69 -12.27
C GLN A 91 -5.08 -18.59 -10.75
N GLU A 92 -3.98 -18.80 -10.01
CA GLU A 92 -4.02 -18.69 -8.56
C GLU A 92 -4.40 -17.28 -8.12
N ALA A 93 -3.78 -16.27 -8.74
CA ALA A 93 -4.04 -14.88 -8.36
C ALA A 93 -5.49 -14.49 -8.66
N THR A 94 -5.98 -14.86 -9.84
CA THR A 94 -7.36 -14.55 -10.20
C THR A 94 -8.34 -15.25 -9.26
N GLU A 95 -8.11 -16.54 -9.00
CA GLU A 95 -8.97 -17.28 -8.09
C GLU A 95 -9.00 -16.64 -6.70
N ALA A 96 -7.84 -16.26 -6.17
CA ALA A 96 -7.79 -15.68 -4.84
C ALA A 96 -8.50 -14.32 -4.80
N TYR A 97 -8.19 -13.46 -5.77
CA TYR A 97 -8.83 -12.14 -5.84
C TYR A 97 -10.35 -12.27 -5.90
N ILE A 98 -10.84 -13.14 -6.80
CA ILE A 98 -12.28 -13.24 -6.97
C ILE A 98 -12.92 -13.90 -5.76
N VAL A 99 -12.24 -14.85 -5.11
CA VAL A 99 -12.80 -15.48 -3.91
C VAL A 99 -12.96 -14.44 -2.80
N SER A 100 -11.93 -13.63 -2.58
CA SER A 100 -12.04 -12.57 -1.58
C SER A 100 -13.17 -11.61 -1.94
N LEU A 101 -13.28 -11.24 -3.21
CA LEU A 101 -14.36 -10.35 -3.64
C LEU A 101 -15.73 -10.98 -3.37
N MET A 102 -15.85 -12.29 -3.56
CA MET A 102 -17.11 -12.97 -3.29
C MET A 102 -17.45 -12.95 -1.81
N ALA A 103 -16.46 -13.19 -0.96
CA ALA A 103 -16.70 -13.14 0.48
C ALA A 103 -17.15 -11.76 0.91
N ASP A 104 -16.51 -10.72 0.39
CA ASP A 104 -16.90 -9.35 0.77
C ASP A 104 -18.28 -9.00 0.24
N THR A 105 -18.60 -9.42 -0.99
CA THR A 105 -19.95 -9.22 -1.51
C THR A 105 -20.99 -9.91 -0.63
N ASN A 106 -20.71 -11.15 -0.21
CA ASN A 106 -21.63 -11.85 0.67
C ASN A 106 -21.79 -11.11 1.98
N LEU A 107 -20.71 -10.50 2.48
CA LEU A 107 -20.84 -9.67 3.68
C LEU A 107 -21.77 -8.49 3.42
N ALA A 108 -21.67 -7.87 2.23
CA ALA A 108 -22.56 -6.77 1.90
C ALA A 108 -24.01 -7.23 1.87
N CYS A 109 -24.25 -8.46 1.41
CA CYS A 109 -25.62 -8.98 1.40
C CYS A 109 -26.14 -9.24 2.81
N ILE A 110 -25.33 -9.91 3.64
CA ILE A 110 -25.70 -10.13 5.03
C ILE A 110 -26.03 -8.81 5.70
N HIS A 111 -25.26 -7.77 5.41
CA HIS A 111 -25.55 -6.46 5.99
C HIS A 111 -26.85 -5.89 5.45
N ALA A 112 -27.10 -6.03 4.15
CA ALA A 112 -28.36 -5.61 3.55
C ALA A 112 -29.52 -6.55 3.89
N LYS A 113 -29.29 -7.52 4.78
CA LYS A 113 -30.34 -8.40 5.27
C LYS A 113 -30.86 -9.36 4.19
N ARG A 114 -29.96 -9.87 3.36
CA ARG A 114 -30.32 -10.77 2.29
C ARG A 114 -29.31 -11.91 2.24
N VAL A 115 -29.55 -12.85 1.32
CA VAL A 115 -28.64 -13.96 1.08
C VAL A 115 -28.20 -13.98 -0.38
N THR A 116 -29.10 -13.62 -1.29
CA THR A 116 -28.78 -13.59 -2.71
C THR A 116 -27.86 -12.42 -3.04
N ILE A 117 -26.69 -12.71 -3.59
CA ILE A 117 -25.79 -11.67 -4.03
C ILE A 117 -26.32 -11.04 -5.31
N GLN A 118 -26.15 -9.74 -5.44
CA GLN A 118 -26.65 -8.97 -6.58
C GLN A 118 -25.55 -8.03 -7.07
N PRO A 119 -25.62 -7.62 -8.33
CA PRO A 119 -24.61 -6.66 -8.83
C PRO A 119 -24.60 -5.37 -8.04
N LYS A 120 -25.72 -5.01 -7.41
CA LYS A 120 -25.74 -3.88 -6.48
C LYS A 120 -24.73 -4.06 -5.36
N ASP A 121 -24.38 -5.30 -5.04
CA ASP A 121 -23.44 -5.59 -3.96
C ASP A 121 -21.99 -5.62 -4.43
N ILE A 122 -21.74 -6.10 -5.65
CA ILE A 122 -20.37 -6.17 -6.17
C ILE A 122 -19.78 -4.77 -6.29
N GLN A 123 -20.52 -3.84 -6.89
CA GLN A 123 -20.05 -2.48 -7.04
C GLN A 123 -19.89 -1.75 -5.71
N LEU A 124 -20.59 -2.20 -4.66
CA LEU A 124 -20.34 -1.66 -3.33
C LEU A 124 -19.00 -2.13 -2.78
N ALA A 125 -18.69 -3.41 -2.95
CA ALA A 125 -17.42 -3.95 -2.44
C ALA A 125 -16.24 -3.27 -3.12
N LEU A 126 -16.29 -3.16 -4.45
CA LEU A 126 -15.22 -2.48 -5.18
C LEU A 126 -15.10 -1.02 -4.76
N ARG A 127 -16.21 -0.39 -4.37
CA ARG A 127 -16.16 1.02 -3.97
C ARG A 127 -15.50 1.18 -2.60
N LEU A 128 -15.68 0.21 -1.71
CA LEU A 128 -15.09 0.28 -0.38
C LEU A 128 -13.68 -0.31 -0.34
N ARG A 129 -13.28 -1.07 -1.35
CA ARG A 129 -11.94 -1.61 -1.45
C ARG A 129 -10.90 -0.58 -1.86
N GLY A 130 -11.25 0.70 -1.92
CA GLY A 130 -10.30 1.67 -2.42
C GLY A 130 -9.99 1.52 -3.89
N GLU A 131 -10.90 0.91 -4.65
CA GLU A 131 -10.68 0.64 -6.07
C GLU A 131 -11.73 1.35 -6.93
N ASN B 29 -14.14 -14.71 -26.34
CA ASN B 29 -13.72 -15.98 -25.75
C ASN B 29 -13.73 -15.90 -24.23
N ILE B 30 -13.94 -14.69 -23.69
CA ILE B 30 -14.09 -14.54 -22.24
C ILE B 30 -15.38 -15.21 -21.77
N GLN B 31 -16.36 -15.36 -22.66
CA GLN B 31 -17.57 -16.11 -22.34
C GLN B 31 -17.29 -17.58 -22.03
N GLY B 32 -16.09 -18.06 -22.37
CA GLY B 32 -15.70 -19.43 -22.08
C GLY B 32 -15.65 -19.76 -20.61
N ILE B 33 -15.53 -18.74 -19.75
CA ILE B 33 -15.58 -18.94 -18.31
C ILE B 33 -17.00 -19.32 -17.94
N THR B 34 -17.23 -20.62 -17.74
CA THR B 34 -18.57 -21.17 -17.61
C THR B 34 -19.26 -20.68 -16.34
N LYS B 35 -20.59 -20.79 -16.35
CA LYS B 35 -21.38 -20.50 -15.16
C LYS B 35 -21.06 -21.40 -13.97
N PRO B 36 -20.99 -22.73 -14.11
CA PRO B 36 -20.71 -23.55 -12.91
C PRO B 36 -19.35 -23.29 -12.30
N ALA B 37 -18.37 -22.82 -13.08
CA ALA B 37 -17.09 -22.47 -12.49
C ALA B 37 -17.21 -21.25 -11.58
N ILE B 38 -17.92 -20.22 -12.04
CA ILE B 38 -18.20 -19.06 -11.20
C ILE B 38 -19.00 -19.48 -9.96
N ARG B 39 -19.92 -20.42 -10.13
CA ARG B 39 -20.65 -20.95 -8.98
C ARG B 39 -19.70 -21.58 -7.97
N ARG B 40 -18.74 -22.37 -8.46
CA ARG B 40 -17.78 -23.00 -7.55
C ARG B 40 -16.93 -21.97 -6.82
N LEU B 41 -16.44 -20.97 -7.56
CA LEU B 41 -15.65 -19.90 -6.93
C LEU B 41 -16.47 -19.17 -5.87
N ALA B 42 -17.74 -18.91 -6.15
CA ALA B 42 -18.58 -18.24 -5.17
C ALA B 42 -18.82 -19.13 -3.96
N ARG B 43 -19.01 -20.43 -4.17
CA ARG B 43 -19.22 -21.34 -3.05
C ARG B 43 -17.99 -21.44 -2.17
N ARG B 44 -16.79 -21.39 -2.75
CA ARG B 44 -15.59 -21.30 -1.94
C ARG B 44 -15.55 -20.03 -1.12
N GLY B 45 -16.07 -18.93 -1.66
CA GLY B 45 -16.11 -17.67 -0.93
C GLY B 45 -17.13 -17.64 0.19
N GLY B 46 -17.96 -18.67 0.31
CA GLY B 46 -18.94 -18.73 1.37
C GLY B 46 -20.29 -18.15 1.03
N VAL B 47 -20.65 -18.07 -0.24
CA VAL B 47 -21.93 -17.55 -0.67
C VAL B 47 -22.92 -18.69 -0.79
N LYS B 48 -24.15 -18.45 -0.32
CA LYS B 48 -25.19 -19.47 -0.35
C LYS B 48 -26.08 -19.35 -1.58
N ARG B 49 -26.46 -18.14 -1.97
CA ARG B 49 -27.39 -17.92 -3.05
C ARG B 49 -26.83 -16.89 -4.02
N ILE B 50 -27.02 -17.15 -5.32
CA ILE B 50 -26.38 -16.38 -6.39
C ILE B 50 -27.45 -15.92 -7.37
N SER B 51 -27.45 -14.63 -7.68
CA SER B 51 -28.36 -14.12 -8.71
C SER B 51 -27.82 -14.41 -10.10
N GLY B 52 -28.75 -14.45 -11.08
CA GLY B 52 -28.35 -14.69 -12.45
C GLY B 52 -27.62 -13.53 -13.08
N LEU B 53 -27.92 -12.31 -12.65
CA LEU B 53 -27.28 -11.11 -13.18
C LEU B 53 -25.84 -10.94 -12.68
N ILE B 54 -25.37 -11.82 -11.79
CA ILE B 54 -24.03 -11.69 -11.24
C ILE B 54 -22.98 -11.94 -12.31
N TYR B 55 -23.19 -12.94 -13.16
CA TYR B 55 -22.14 -13.44 -14.03
C TYR B 55 -21.56 -12.35 -14.93
N GLU B 56 -22.39 -11.40 -15.37
CA GLU B 56 -21.91 -10.33 -16.22
C GLU B 56 -20.88 -9.46 -15.48
N GLU B 57 -21.28 -8.94 -14.32
CA GLU B 57 -20.36 -8.15 -13.50
C GLU B 57 -19.13 -8.95 -13.13
N THR B 58 -19.29 -10.26 -12.89
CA THR B 58 -18.17 -11.12 -12.54
C THR B 58 -17.14 -11.15 -13.67
N ARG B 59 -17.57 -11.55 -14.87
CA ARG B 59 -16.65 -11.60 -16.00
C ARG B 59 -16.05 -10.23 -16.29
N GLY B 60 -16.81 -9.16 -16.09
CA GLY B 60 -16.25 -7.82 -16.29
C GLY B 60 -15.12 -7.52 -15.34
N VAL B 61 -15.34 -7.75 -14.05
CA VAL B 61 -14.31 -7.46 -13.05
C VAL B 61 -13.08 -8.33 -13.30
N LEU B 62 -13.29 -9.63 -13.57
CA LEU B 62 -12.17 -10.51 -13.89
C LEU B 62 -11.39 -9.97 -15.08
N LYS B 63 -12.11 -9.50 -16.12
CA LYS B 63 -11.42 -8.99 -17.30
C LYS B 63 -10.60 -7.75 -16.98
N VAL B 64 -11.12 -6.89 -16.09
CA VAL B 64 -10.36 -5.70 -15.70
C VAL B 64 -9.07 -6.09 -14.99
N PHE B 65 -9.18 -6.99 -14.00
CA PHE B 65 -8.00 -7.43 -13.27
C PHE B 65 -6.98 -8.06 -14.20
N LEU B 66 -7.43 -8.96 -15.07
CA LEU B 66 -6.52 -9.62 -16.00
C LEU B 66 -5.84 -8.62 -16.93
N GLU B 67 -6.60 -7.66 -17.44
CA GLU B 67 -6.00 -6.65 -18.33
C GLU B 67 -4.92 -5.86 -17.62
N ASN B 68 -5.17 -5.44 -16.37
CA ASN B 68 -4.16 -4.70 -15.63
C ASN B 68 -2.90 -5.54 -15.43
N VAL B 69 -3.07 -6.76 -14.90
CA VAL B 69 -1.93 -7.60 -14.58
C VAL B 69 -1.11 -7.92 -15.82
N ILE B 70 -1.79 -8.24 -16.92
CA ILE B 70 -1.08 -8.56 -18.15
C ILE B 70 -0.41 -7.32 -18.74
N ARG B 71 -1.03 -6.15 -18.58
CA ARG B 71 -0.37 -4.92 -19.00
C ARG B 71 0.98 -4.77 -18.32
N ASP B 72 0.98 -4.79 -16.98
CA ASP B 72 2.24 -4.57 -16.26
C ASP B 72 3.25 -5.69 -16.54
N ALA B 73 2.78 -6.94 -16.61
CA ALA B 73 3.69 -8.04 -16.85
C ALA B 73 4.34 -7.95 -18.23
N VAL B 74 3.54 -7.63 -19.25
CA VAL B 74 4.08 -7.49 -20.60
C VAL B 74 5.05 -6.32 -20.68
N THR B 75 4.80 -5.25 -19.92
CA THR B 75 5.79 -4.18 -19.87
C THR B 75 7.09 -4.67 -19.25
N TYR B 76 6.99 -5.43 -18.15
CA TYR B 76 8.19 -5.99 -17.52
C TYR B 76 8.99 -6.86 -18.49
N THR B 77 8.30 -7.71 -19.26
CA THR B 77 9.00 -8.56 -20.22
C THR B 77 9.61 -7.74 -21.35
N GLU B 78 8.80 -6.87 -21.96
CA GLU B 78 9.27 -6.05 -23.07
C GLU B 78 10.44 -5.16 -22.68
N HIS B 79 10.58 -4.82 -21.40
CA HIS B 79 11.77 -4.09 -20.98
C HIS B 79 13.00 -4.98 -20.94
N ALA B 80 12.84 -6.26 -20.61
CA ALA B 80 13.97 -7.18 -20.56
C ALA B 80 14.44 -7.63 -21.94
N LYS B 81 13.81 -7.15 -23.02
CA LYS B 81 14.20 -7.50 -24.39
C LYS B 81 14.08 -9.01 -24.63
N ARG B 82 12.90 -9.56 -24.34
CA ARG B 82 12.63 -10.97 -24.51
C ARG B 82 11.21 -11.15 -25.03
N LYS B 83 10.94 -12.32 -25.59
CA LYS B 83 9.63 -12.67 -26.12
C LYS B 83 8.84 -13.63 -25.23
N THR B 84 9.46 -14.21 -24.21
CA THR B 84 8.80 -15.18 -23.33
C THR B 84 8.48 -14.51 -22.00
N VAL B 85 7.31 -14.82 -21.46
CA VAL B 85 6.83 -14.23 -20.22
C VAL B 85 7.05 -15.25 -19.12
N THR B 86 8.06 -15.00 -18.28
CA THR B 86 8.34 -15.89 -17.16
C THR B 86 7.39 -15.58 -15.99
N ALA B 87 7.42 -16.46 -14.99
CA ALA B 87 6.52 -16.29 -13.85
C ALA B 87 6.93 -15.13 -12.96
N MET B 88 8.23 -14.84 -12.87
CA MET B 88 8.69 -13.71 -12.07
C MET B 88 8.14 -12.39 -12.57
N ASP B 89 7.96 -12.26 -13.89
CA ASP B 89 7.34 -11.05 -14.42
C ASP B 89 5.93 -10.89 -13.88
N VAL B 90 5.18 -11.98 -13.81
CA VAL B 90 3.83 -11.94 -13.24
C VAL B 90 3.88 -11.57 -11.76
N VAL B 91 4.83 -12.16 -11.03
CA VAL B 91 4.94 -11.88 -9.60
C VAL B 91 5.26 -10.42 -9.36
N TYR B 92 6.15 -9.84 -10.17
CA TYR B 92 6.44 -8.41 -10.06
C TYR B 92 5.22 -7.58 -10.41
N ALA B 93 4.52 -7.94 -11.49
CA ALA B 93 3.33 -7.18 -11.89
C ALA B 93 2.30 -7.16 -10.78
N LEU B 94 2.13 -8.29 -10.08
CA LEU B 94 1.19 -8.33 -8.96
C LEU B 94 1.71 -7.55 -7.77
N LYS B 95 3.01 -7.65 -7.47
CA LYS B 95 3.58 -6.94 -6.33
C LYS B 95 3.49 -5.43 -6.50
N ARG B 96 3.52 -4.94 -7.75
CA ARG B 96 3.35 -3.51 -7.97
C ARG B 96 1.96 -3.04 -7.56
N GLN B 97 0.97 -3.92 -7.62
CA GLN B 97 -0.39 -3.60 -7.25
C GLN B 97 -0.68 -3.91 -5.77
N GLY B 98 0.35 -4.10 -4.96
CA GLY B 98 0.16 -4.39 -3.55
C GLY B 98 -0.43 -5.76 -3.28
N ARG B 99 -0.06 -6.75 -4.10
CA ARG B 99 -0.61 -8.12 -4.01
C ARG B 99 0.56 -9.09 -4.11
N THR B 100 1.29 -9.24 -2.99
CA THR B 100 2.37 -10.19 -2.96
C THR B 100 1.86 -11.61 -3.19
N LEU B 101 2.58 -12.38 -4.00
CA LEU B 101 2.24 -13.77 -4.27
C LEU B 101 3.46 -14.64 -4.05
N TYR B 102 3.31 -15.69 -3.24
CA TYR B 102 4.39 -16.63 -2.96
C TYR B 102 4.16 -17.93 -3.74
N GLY B 103 5.26 -18.62 -4.03
CA GLY B 103 5.22 -19.93 -4.64
C GLY B 103 5.86 -20.05 -6.00
N PHE B 104 6.34 -18.95 -6.60
CA PHE B 104 6.93 -19.02 -7.94
C PHE B 104 8.26 -18.29 -8.03
N GLY B 105 8.86 -17.89 -6.91
CA GLY B 105 10.20 -17.35 -6.94
C GLY B 105 10.39 -16.03 -6.22
N GLY B 106 9.41 -15.64 -5.40
CA GLY B 106 9.50 -14.38 -4.68
C GLY B 106 8.17 -13.92 -4.13
N ARG C 15 38.20 27.65 -23.79
CA ARG C 15 37.29 26.59 -23.34
C ARG C 15 35.92 26.72 -23.99
N ALA C 16 34.99 25.88 -23.57
CA ALA C 16 33.60 25.93 -24.03
C ALA C 16 32.77 26.58 -22.95
N LYS C 17 32.21 27.76 -23.24
CA LYS C 17 31.46 28.51 -22.25
C LYS C 17 30.27 27.69 -21.76
N ALA C 18 30.08 27.67 -20.44
CA ALA C 18 29.17 26.73 -19.81
C ALA C 18 27.71 27.16 -19.98
N LYS C 19 26.91 26.26 -20.54
CA LYS C 19 25.46 26.33 -20.46
C LYS C 19 24.99 25.16 -19.58
N THR C 20 24.10 25.44 -18.63
CA THR C 20 23.65 24.41 -17.72
C THR C 20 22.94 23.30 -18.49
N ARG C 21 22.86 22.13 -17.84
CA ARG C 21 22.19 20.99 -18.47
C ARG C 21 20.72 21.26 -18.71
N SER C 22 20.09 22.05 -17.84
CA SER C 22 18.69 22.40 -18.04
C SER C 22 18.48 23.16 -19.34
N SER C 23 19.41 24.04 -19.69
CA SER C 23 19.30 24.78 -20.96
C SER C 23 19.59 23.87 -22.14
N ARG C 24 20.57 22.97 -22.00
CA ARG C 24 20.85 22.03 -23.09
C ARG C 24 19.67 21.10 -23.36
N ALA C 25 18.89 20.78 -22.32
CA ALA C 25 17.72 19.93 -22.51
C ALA C 25 16.44 20.70 -22.74
N GLY C 26 16.42 22.00 -22.44
CA GLY C 26 15.21 22.79 -22.60
C GLY C 26 14.18 22.60 -21.51
N LEU C 27 14.62 22.44 -20.27
CA LEU C 27 13.75 22.21 -19.12
C LEU C 27 13.90 23.36 -18.12
N GLN C 28 13.07 23.31 -17.07
CA GLN C 28 13.16 24.24 -15.96
C GLN C 28 13.74 23.64 -14.69
N PHE C 29 13.77 22.31 -14.58
CA PHE C 29 14.26 21.62 -13.39
C PHE C 29 15.75 21.31 -13.54
N PRO C 30 16.53 21.48 -12.47
CA PRO C 30 17.99 21.30 -12.59
C PRO C 30 18.38 19.84 -12.74
N VAL C 31 18.85 19.47 -13.93
CA VAL C 31 19.26 18.09 -14.19
C VAL C 31 20.43 17.68 -13.31
N GLY C 32 21.29 18.64 -12.95
CA GLY C 32 22.44 18.30 -12.10
C GLY C 32 22.05 17.87 -10.71
N ARG C 33 21.09 18.59 -10.10
CA ARG C 33 20.65 18.23 -8.76
C ARG C 33 19.94 16.89 -8.75
N VAL C 34 19.13 16.62 -9.78
CA VAL C 34 18.51 15.30 -9.90
C VAL C 34 19.57 14.23 -10.05
N HIS C 35 20.63 14.54 -10.79
CA HIS C 35 21.74 13.59 -10.93
C HIS C 35 22.38 13.30 -9.57
N ARG C 36 22.63 14.34 -8.77
CA ARG C 36 23.22 14.14 -7.46
C ARG C 36 22.31 13.29 -6.58
N LEU C 37 21.00 13.57 -6.59
CA LEU C 37 20.07 12.76 -5.82
C LEU C 37 20.05 11.32 -6.30
N LEU C 38 20.21 11.10 -7.61
CA LEU C 38 20.22 9.74 -8.13
C LEU C 38 21.47 8.98 -7.69
N ARG C 39 22.63 9.63 -7.73
CA ARG C 39 23.85 8.96 -7.28
C ARG C 39 23.78 8.65 -5.78
N LYS C 40 23.57 9.68 -4.96
CA LYS C 40 23.62 9.56 -3.51
C LYS C 40 22.35 8.94 -2.92
N GLY C 41 21.38 8.57 -3.73
CA GLY C 41 20.12 8.07 -3.23
C GLY C 41 20.05 6.58 -2.94
N ASN C 42 21.13 5.84 -3.23
CA ASN C 42 21.17 4.39 -3.05
C ASN C 42 20.08 3.71 -3.88
N TYR C 43 20.02 4.05 -5.16
CA TYR C 43 19.18 3.36 -6.12
C TYR C 43 19.95 2.39 -7.00
N SER C 44 21.12 2.82 -7.49
CA SER C 44 22.02 1.98 -8.24
C SER C 44 23.42 2.54 -8.07
N GLU C 45 24.43 1.70 -8.28
CA GLU C 45 25.80 2.13 -8.09
C GLU C 45 26.20 3.20 -9.11
N ARG C 46 25.91 2.97 -10.38
CA ARG C 46 26.18 3.94 -11.43
C ARG C 46 24.87 4.44 -12.03
N VAL C 47 24.87 5.70 -12.45
CA VAL C 47 23.68 6.39 -12.93
C VAL C 47 23.99 6.98 -14.30
N GLY C 48 23.19 6.61 -15.29
CA GLY C 48 23.40 7.07 -16.65
C GLY C 48 23.28 8.58 -16.79
N ALA C 49 23.61 9.06 -17.98
CA ALA C 49 23.63 10.48 -18.26
C ALA C 49 22.28 11.04 -18.68
N GLY C 50 21.47 10.25 -19.38
CA GLY C 50 20.15 10.69 -19.78
C GLY C 50 19.05 10.49 -18.77
N ALA C 51 19.29 9.68 -17.74
CA ALA C 51 18.28 9.46 -16.71
C ALA C 51 17.88 10.74 -15.99
N PRO C 52 18.79 11.58 -15.49
CA PRO C 52 18.34 12.81 -14.83
C PRO C 52 17.61 13.76 -15.76
N VAL C 53 18.02 13.85 -17.03
CA VAL C 53 17.30 14.66 -17.99
C VAL C 53 15.86 14.16 -18.14
N TYR C 54 15.71 12.86 -18.40
CA TYR C 54 14.38 12.28 -18.56
C TYR C 54 13.51 12.52 -17.34
N LEU C 55 14.06 12.26 -16.16
CA LEU C 55 13.26 12.36 -14.93
C LEU C 55 12.87 13.80 -14.63
N ALA C 56 13.81 14.74 -14.82
CA ALA C 56 13.47 16.15 -14.62
C ALA C 56 12.40 16.60 -15.60
N ALA C 57 12.45 16.08 -16.83
CA ALA C 57 11.40 16.40 -17.80
C ALA C 57 10.04 15.91 -17.32
N VAL C 58 9.99 14.65 -16.85
CA VAL C 58 8.71 14.11 -16.39
C VAL C 58 8.18 14.92 -15.21
N LEU C 59 9.05 15.24 -14.24
CA LEU C 59 8.63 16.02 -13.08
C LEU C 59 8.08 17.38 -13.51
N GLU C 60 8.78 18.05 -14.43
CA GLU C 60 8.28 19.33 -14.92
C GLU C 60 6.90 19.17 -15.55
N TYR C 61 6.71 18.12 -16.35
CA TYR C 61 5.42 17.92 -16.99
C TYR C 61 4.30 17.75 -15.98
N LEU C 62 4.52 16.90 -14.96
CA LEU C 62 3.46 16.65 -14.00
C LEU C 62 3.14 17.89 -13.17
N THR C 63 4.18 18.61 -12.74
CA THR C 63 3.96 19.84 -12.00
C THR C 63 3.21 20.86 -12.85
N ALA C 64 3.53 20.95 -14.14
CA ALA C 64 2.80 21.84 -15.03
C ALA C 64 1.33 21.43 -15.11
N GLU C 65 1.07 20.12 -15.20
CA GLU C 65 -0.30 19.62 -15.25
C GLU C 65 -1.10 20.09 -14.03
N ILE C 66 -0.64 19.72 -12.83
CA ILE C 66 -1.42 20.01 -11.63
C ILE C 66 -1.49 21.52 -11.37
N LEU C 67 -0.44 22.27 -11.76
CA LEU C 67 -0.46 23.71 -11.52
C LEU C 67 -1.43 24.41 -12.47
N GLU C 68 -1.51 23.97 -13.73
CA GLU C 68 -2.52 24.54 -14.61
C GLU C 68 -3.93 24.23 -14.10
N LEU C 69 -4.16 22.97 -13.71
CA LEU C 69 -5.48 22.62 -13.18
C LEU C 69 -5.83 23.45 -11.94
N ALA C 70 -4.88 23.59 -11.01
CA ALA C 70 -5.11 24.37 -9.80
C ALA C 70 -5.33 25.84 -10.11
N GLY C 71 -4.60 26.39 -11.08
CA GLY C 71 -4.81 27.77 -11.46
C GLY C 71 -6.21 28.02 -12.01
N ASN C 72 -6.67 27.13 -12.89
CA ASN C 72 -8.02 27.31 -13.44
C ASN C 72 -9.08 27.12 -12.35
N ALA C 73 -8.89 26.14 -11.48
CA ALA C 73 -9.84 25.94 -10.39
C ALA C 73 -9.84 27.12 -9.42
N ALA C 74 -8.69 27.78 -9.25
CA ALA C 74 -8.62 28.95 -8.39
C ALA C 74 -9.31 30.14 -9.02
N ARG C 75 -9.14 30.32 -10.33
CA ARG C 75 -9.79 31.44 -11.00
C ARG C 75 -11.30 31.25 -11.08
N ASP C 76 -11.77 30.00 -11.19
CA ASP C 76 -13.20 29.73 -11.12
C ASP C 76 -13.80 30.17 -9.80
N ASN C 77 -12.98 30.27 -8.75
CA ASN C 77 -13.39 30.81 -7.46
C ASN C 77 -13.16 32.31 -7.38
N LYS C 78 -12.61 32.92 -8.44
CA LYS C 78 -12.35 34.36 -8.51
C LYS C 78 -11.30 34.78 -7.49
N LYS C 79 -10.21 34.02 -7.45
CA LYS C 79 -9.03 34.34 -6.64
C LYS C 79 -7.80 34.19 -7.52
N THR C 80 -6.77 34.98 -7.22
CA THR C 80 -5.58 35.05 -8.05
C THR C 80 -4.36 34.42 -7.39
N ARG C 81 -4.58 33.57 -6.39
CA ARG C 81 -3.49 32.94 -5.66
C ARG C 81 -3.89 31.50 -5.33
N ILE C 82 -3.02 30.55 -5.66
CA ILE C 82 -3.33 29.14 -5.47
C ILE C 82 -3.16 28.78 -3.99
N ILE C 83 -4.21 28.20 -3.40
CA ILE C 83 -4.19 27.76 -2.02
C ILE C 83 -4.42 26.25 -2.02
N PRO C 84 -4.23 25.54 -0.90
CA PRO C 84 -4.38 24.07 -0.94
C PRO C 84 -5.74 23.59 -1.43
N ARG C 85 -6.83 24.27 -1.10
CA ARG C 85 -8.14 23.84 -1.55
C ARG C 85 -8.21 23.73 -3.07
N HIS C 86 -7.64 24.70 -3.77
CA HIS C 86 -7.61 24.65 -5.24
C HIS C 86 -6.87 23.41 -5.72
N LEU C 87 -5.78 23.05 -5.03
CA LEU C 87 -5.04 21.85 -5.40
C LEU C 87 -5.88 20.60 -5.19
N GLN C 88 -6.59 20.51 -4.05
CA GLN C 88 -7.47 19.37 -3.81
C GLN C 88 -8.55 19.27 -4.88
N LEU C 89 -9.18 20.38 -5.23
CA LEU C 89 -10.22 20.34 -6.26
C LEU C 89 -9.63 19.92 -7.61
N ALA C 90 -8.42 20.38 -7.91
CA ALA C 90 -7.80 20.05 -9.19
C ALA C 90 -7.42 18.57 -9.27
N ILE C 91 -6.97 17.99 -8.15
CA ILE C 91 -6.62 16.59 -8.15
C ILE C 91 -7.87 15.71 -8.18
N ARG C 92 -8.87 16.06 -7.36
CA ARG C 92 -10.04 15.20 -7.22
C ARG C 92 -11.02 15.31 -8.39
N ASN C 93 -10.98 16.39 -9.17
CA ASN C 93 -11.88 16.49 -10.30
C ASN C 93 -11.35 15.77 -11.55
N ASP C 94 -10.11 15.29 -11.53
CA ASP C 94 -9.54 14.56 -12.66
C ASP C 94 -9.44 13.07 -12.32
N GLU C 95 -9.68 12.22 -13.32
CA GLU C 95 -9.64 10.77 -13.08
C GLU C 95 -8.21 10.28 -12.87
N GLU C 96 -7.32 10.59 -13.81
CA GLU C 96 -5.98 10.01 -13.77
C GLU C 96 -5.18 10.51 -12.58
N LEU C 97 -5.17 11.83 -12.34
CA LEU C 97 -4.44 12.37 -11.20
C LEU C 97 -4.96 11.80 -9.89
N ASN C 98 -6.28 11.59 -9.78
CA ASN C 98 -6.84 11.01 -8.56
C ASN C 98 -6.42 9.54 -8.42
N LYS C 99 -6.40 8.81 -9.53
CA LYS C 99 -5.90 7.43 -9.50
C LYS C 99 -4.44 7.41 -9.06
N LEU C 100 -3.66 8.43 -9.42
CA LEU C 100 -2.26 8.49 -9.02
C LEU C 100 -2.12 8.85 -7.55
N LEU C 101 -3.02 9.70 -7.03
CA LEU C 101 -2.90 10.23 -5.68
C LEU C 101 -4.06 9.80 -4.79
N GLY C 102 -4.70 8.67 -5.11
CA GLY C 102 -5.78 8.18 -4.27
C GLY C 102 -5.34 7.90 -2.85
N ARG C 103 -4.07 7.50 -2.66
CA ARG C 103 -3.51 7.24 -1.35
C ARG C 103 -2.79 8.45 -0.75
N VAL C 104 -3.30 9.66 -1.02
CA VAL C 104 -2.68 10.89 -0.54
C VAL C 104 -3.77 11.80 -0.01
N THR C 105 -3.45 12.51 1.08
CA THR C 105 -4.31 13.55 1.63
C THR C 105 -3.53 14.86 1.71
N ILE C 106 -4.25 15.96 1.52
CA ILE C 106 -3.65 17.29 1.43
C ILE C 106 -4.12 18.13 2.62
N ALA C 107 -3.17 18.60 3.41
CA ALA C 107 -3.51 19.49 4.52
C ALA C 107 -4.12 20.79 4.00
N GLN C 108 -5.05 21.34 4.77
CA GLN C 108 -5.81 22.54 4.38
C GLN C 108 -6.62 22.31 3.12
N GLY C 109 -6.96 21.06 2.82
CA GLY C 109 -7.48 20.70 1.50
C GLY C 109 -8.98 20.69 1.35
N GLY C 110 -9.71 20.28 2.39
CA GLY C 110 -11.15 20.11 2.25
C GLY C 110 -11.49 18.83 1.51
N VAL C 111 -12.73 18.78 1.00
CA VAL C 111 -13.24 17.60 0.30
C VAL C 111 -14.06 18.05 -0.91
N LEU C 112 -14.35 17.08 -1.78
CA LEU C 112 -15.16 17.33 -2.96
C LEU C 112 -16.63 17.41 -2.59
N PRO C 113 -17.34 18.49 -2.94
CA PRO C 113 -18.78 18.55 -2.65
C PRO C 113 -19.56 17.51 -3.42
N ASN C 114 -20.03 16.47 -2.74
CA ASN C 114 -20.82 15.42 -3.37
C ASN C 114 -21.84 14.89 -2.37
N ILE C 115 -23.11 15.07 -2.68
CA ILE C 115 -24.20 14.54 -1.86
C ILE C 115 -24.98 13.53 -2.70
N GLN C 116 -25.15 12.33 -2.17
CA GLN C 116 -25.87 11.28 -2.88
C GLN C 116 -27.30 11.71 -3.18
N ALA C 117 -27.84 11.17 -4.28
CA ALA C 117 -29.20 11.54 -4.68
C ALA C 117 -30.25 10.98 -3.73
N VAL C 118 -29.90 9.99 -2.91
CA VAL C 118 -30.87 9.41 -1.98
C VAL C 118 -31.15 10.35 -0.82
N LEU C 119 -30.17 11.17 -0.45
CA LEU C 119 -30.29 12.06 0.71
C LEU C 119 -30.88 13.41 0.36
N LEU C 120 -31.12 13.68 -0.92
CA LEU C 120 -31.62 14.99 -1.35
C LEU C 120 -33.13 15.08 -1.11
N PRO C 121 -33.67 16.29 -1.03
CA PRO C 121 -35.11 16.45 -0.89
C PRO C 121 -35.84 15.97 -2.14
N LYS C 122 -37.13 15.70 -1.96
CA LYS C 122 -37.94 15.13 -3.03
C LYS C 122 -39.03 16.09 -3.49
N LYS D 34 25.37 29.17 12.70
CA LYS D 34 24.14 28.82 13.39
C LYS D 34 22.93 29.47 12.74
N ARG D 35 22.67 29.11 11.48
CA ARG D 35 21.53 29.66 10.77
C ARG D 35 21.08 28.72 9.64
N SER D 36 22.03 27.94 9.11
CA SER D 36 21.75 26.81 8.23
C SER D 36 21.16 27.19 6.88
N ARG D 37 20.88 26.18 6.06
CA ARG D 37 20.26 26.32 4.75
C ARG D 37 19.83 24.93 4.28
N LYS D 38 18.81 24.89 3.43
CA LYS D 38 18.31 23.63 2.91
C LYS D 38 17.69 23.85 1.54
N GLU D 39 18.01 22.96 0.60
CA GLU D 39 17.56 23.09 -0.78
C GLU D 39 16.08 22.74 -0.92
N SER D 40 15.50 23.13 -2.04
CA SER D 40 14.07 22.99 -2.27
C SER D 40 13.74 23.28 -3.73
N TYR D 41 12.55 22.83 -4.16
CA TYR D 41 12.08 22.99 -5.53
C TYR D 41 11.17 24.20 -5.71
N SER D 42 11.16 25.15 -4.76
CA SER D 42 10.20 26.24 -4.80
C SER D 42 10.35 27.09 -6.06
N ILE D 43 11.59 27.44 -6.40
CA ILE D 43 11.85 28.38 -7.48
C ILE D 43 11.40 27.79 -8.82
N TYR D 44 11.65 26.50 -9.04
CA TYR D 44 11.30 25.88 -10.31
C TYR D 44 9.78 25.75 -10.46
N VAL D 45 9.09 25.40 -9.36
CA VAL D 45 7.64 25.37 -9.37
C VAL D 45 7.09 26.75 -9.70
N TYR D 46 7.70 27.80 -9.16
CA TYR D 46 7.25 29.15 -9.50
C TYR D 46 7.50 29.45 -10.98
N LYS D 47 8.62 28.97 -11.53
CA LYS D 47 8.90 29.19 -12.94
C LYS D 47 7.83 28.54 -13.81
N VAL D 48 7.47 27.30 -13.50
CA VAL D 48 6.42 26.63 -14.27
C VAL D 48 5.09 27.35 -14.10
N LEU D 49 4.82 27.86 -12.89
CA LEU D 49 3.58 28.58 -12.64
C LEU D 49 3.49 29.82 -13.52
N LYS D 50 4.57 30.59 -13.59
CA LYS D 50 4.60 31.72 -14.52
C LYS D 50 4.57 31.26 -15.98
N GLN D 51 4.98 30.02 -16.26
CA GLN D 51 4.86 29.51 -17.62
C GLN D 51 3.39 29.31 -18.02
N VAL D 52 2.62 28.63 -17.17
CA VAL D 52 1.27 28.26 -17.60
C VAL D 52 0.22 29.33 -17.28
N HIS D 53 0.44 30.15 -16.25
CA HIS D 53 -0.49 31.22 -15.89
C HIS D 53 0.31 32.41 -15.38
N PRO D 54 0.61 33.38 -16.25
CA PRO D 54 1.52 34.46 -15.86
C PRO D 54 0.97 35.37 -14.78
N ASP D 55 -0.35 35.40 -14.57
CA ASP D 55 -0.94 36.29 -13.58
C ASP D 55 -1.08 35.67 -12.19
N THR D 56 -1.18 34.34 -12.11
CA THR D 56 -1.56 33.69 -10.85
C THR D 56 -0.36 33.55 -9.93
N GLY D 57 -0.60 33.75 -8.63
CA GLY D 57 0.40 33.52 -7.61
C GLY D 57 0.16 32.22 -6.86
N ILE D 58 0.97 32.01 -5.83
CA ILE D 58 0.91 30.77 -5.06
C ILE D 58 1.32 31.05 -3.63
N SER D 59 0.63 30.42 -2.68
CA SER D 59 0.92 30.59 -1.26
C SER D 59 2.05 29.66 -0.83
N SER D 60 2.58 29.92 0.37
CA SER D 60 3.71 29.13 0.86
C SER D 60 3.28 27.72 1.22
N LYS D 61 2.10 27.56 1.82
CA LYS D 61 1.57 26.23 2.11
C LYS D 61 1.42 25.41 0.83
N ALA D 62 0.87 26.01 -0.22
CA ALA D 62 0.74 25.31 -1.49
C ALA D 62 2.11 24.98 -2.06
N MET D 63 3.11 25.83 -1.82
CA MET D 63 4.47 25.52 -2.25
C MET D 63 4.99 24.28 -1.53
N GLY D 64 4.74 24.19 -0.22
CA GLY D 64 5.13 22.98 0.50
C GLY D 64 4.42 21.74 -0.03
N ILE D 65 3.14 21.89 -0.36
CA ILE D 65 2.40 20.81 -1.02
C ILE D 65 3.14 20.38 -2.29
N MET D 66 3.57 21.37 -3.08
CA MET D 66 4.25 21.08 -4.34
C MET D 66 5.56 20.34 -4.10
N ASN D 67 6.35 20.81 -3.12
CA ASN D 67 7.63 20.15 -2.83
C ASN D 67 7.41 18.69 -2.40
N SER D 68 6.48 18.47 -1.47
CA SER D 68 6.16 17.10 -1.06
C SER D 68 5.73 16.24 -2.25
N PHE D 69 4.92 16.80 -3.15
CA PHE D 69 4.46 16.06 -4.32
C PHE D 69 5.63 15.66 -5.22
N VAL D 70 6.46 16.64 -5.57
CA VAL D 70 7.62 16.36 -6.44
C VAL D 70 8.52 15.31 -5.81
N ASN D 71 8.75 15.42 -4.49
CA ASN D 71 9.62 14.46 -3.82
C ASN D 71 9.01 13.07 -3.84
N ASP D 72 7.70 12.96 -3.61
CA ASP D 72 7.04 11.66 -3.64
C ASP D 72 7.14 11.01 -5.01
N ILE D 73 6.89 11.78 -6.08
CA ILE D 73 6.95 11.21 -7.42
C ILE D 73 8.38 10.81 -7.77
N PHE D 74 9.36 11.67 -7.45
CA PHE D 74 10.76 11.34 -7.67
C PHE D 74 11.14 10.05 -6.96
N GLU D 75 10.67 9.87 -5.72
CA GLU D 75 11.00 8.67 -4.97
C GLU D 75 10.37 7.44 -5.61
N ARG D 76 9.10 7.53 -6.00
CA ARG D 76 8.45 6.41 -6.68
C ARG D 76 9.21 6.01 -7.95
N ILE D 77 9.50 6.99 -8.81
CA ILE D 77 10.15 6.71 -10.08
C ILE D 77 11.53 6.10 -9.86
N ALA D 78 12.32 6.72 -8.98
CA ALA D 78 13.67 6.22 -8.74
C ALA D 78 13.65 4.82 -8.13
N GLY D 79 12.67 4.54 -7.26
CA GLY D 79 12.57 3.22 -6.66
C GLY D 79 12.24 2.15 -7.69
N GLU D 80 11.22 2.40 -8.51
CA GLU D 80 10.89 1.44 -9.57
C GLU D 80 12.06 1.29 -10.54
N ALA D 81 12.82 2.35 -10.76
CA ALA D 81 13.99 2.25 -11.63
C ALA D 81 15.06 1.35 -11.00
N SER D 82 15.27 1.48 -9.69
CA SER D 82 16.22 0.61 -9.01
C SER D 82 15.79 -0.84 -9.09
N ARG D 83 14.50 -1.12 -8.87
CA ARG D 83 14.03 -2.49 -8.98
C ARG D 83 14.20 -3.03 -10.39
N LEU D 84 13.86 -2.22 -11.41
CA LEU D 84 14.06 -2.65 -12.78
C LEU D 84 15.54 -2.95 -13.07
N ALA D 85 16.45 -2.12 -12.54
CA ALA D 85 17.87 -2.38 -12.71
C ALA D 85 18.26 -3.72 -12.09
N HIS D 86 17.84 -3.95 -10.84
CA HIS D 86 18.22 -5.18 -10.15
C HIS D 86 17.62 -6.41 -10.79
N TYR D 87 16.43 -6.29 -11.40
CA TYR D 87 15.77 -7.46 -11.95
C TYR D 87 16.52 -8.10 -13.11
N ASN D 88 17.39 -7.35 -13.79
CA ASN D 88 18.08 -7.85 -14.97
C ASN D 88 19.58 -8.00 -14.76
N LYS D 89 20.02 -8.16 -13.50
CA LYS D 89 21.44 -8.26 -13.14
C LYS D 89 22.26 -7.10 -13.71
N ARG D 90 21.62 -5.94 -13.89
CA ARG D 90 22.30 -4.74 -14.36
C ARG D 90 22.42 -3.74 -13.24
N SER D 91 23.57 -3.06 -13.19
CA SER D 91 23.91 -2.18 -12.07
C SER D 91 23.85 -0.70 -12.44
N THR D 92 23.38 -0.36 -13.64
CA THR D 92 23.30 1.02 -14.08
C THR D 92 21.85 1.40 -14.39
N ILE D 93 21.59 2.70 -14.36
CA ILE D 93 20.27 3.25 -14.64
C ILE D 93 20.39 4.15 -15.85
N THR D 94 19.90 3.70 -16.99
CA THR D 94 19.77 4.54 -18.16
C THR D 94 18.36 5.13 -18.22
N SER D 95 18.15 6.06 -19.15
CA SER D 95 16.83 6.67 -19.31
C SER D 95 15.79 5.64 -19.72
N ARG D 96 16.21 4.48 -20.22
CA ARG D 96 15.28 3.41 -20.54
C ARG D 96 14.52 2.93 -19.30
N GLU D 97 15.23 2.80 -18.17
CA GLU D 97 14.58 2.37 -16.95
C GLU D 97 13.62 3.43 -16.42
N ILE D 98 13.98 4.70 -16.54
CA ILE D 98 13.06 5.77 -16.16
C ILE D 98 11.81 5.72 -17.03
N GLN D 99 11.99 5.47 -18.33
CA GLN D 99 10.86 5.39 -19.24
C GLN D 99 9.93 4.23 -18.90
N THR D 100 10.50 3.05 -18.62
CA THR D 100 9.66 1.90 -18.30
C THR D 100 8.98 2.08 -16.94
N ALA D 101 9.65 2.71 -15.98
CA ALA D 101 9.02 2.98 -14.70
C ALA D 101 7.87 3.98 -14.84
N VAL D 102 8.06 5.00 -15.68
CA VAL D 102 6.97 5.93 -15.95
C VAL D 102 5.81 5.20 -16.61
N ARG D 103 6.12 4.29 -17.54
CA ARG D 103 5.06 3.51 -18.18
C ARG D 103 4.34 2.61 -17.18
N LEU D 104 5.02 2.20 -16.10
CA LEU D 104 4.39 1.33 -15.11
C LEU D 104 3.58 2.09 -14.08
N LEU D 105 3.99 3.32 -13.72
CA LEU D 105 3.39 4.01 -12.58
C LEU D 105 2.37 5.07 -12.94
N LEU D 106 2.32 5.50 -14.20
CA LEU D 106 1.41 6.57 -14.59
C LEU D 106 0.25 6.05 -15.41
N PRO D 107 -1.00 6.42 -15.09
CA PRO D 107 -2.17 5.76 -15.68
C PRO D 107 -2.67 6.40 -16.97
N GLY D 108 -2.08 6.00 -18.09
CA GLY D 108 -2.65 6.29 -19.39
C GLY D 108 -1.98 7.47 -20.10
N GLU D 109 -2.81 8.41 -20.54
CA GLU D 109 -2.32 9.59 -21.26
C GLU D 109 -1.33 10.39 -20.44
N LEU D 110 -1.38 10.30 -19.11
CA LEU D 110 -0.36 10.91 -18.29
C LEU D 110 1.00 10.28 -18.58
N ALA D 111 1.01 8.95 -18.73
CA ALA D 111 2.26 8.28 -19.06
C ALA D 111 2.66 8.56 -20.51
N LYS D 112 1.69 8.67 -21.41
CA LYS D 112 1.98 8.93 -22.81
C LYS D 112 2.65 10.28 -22.99
N HIS D 113 1.99 11.35 -22.51
CA HIS D 113 2.58 12.68 -22.59
C HIS D 113 3.89 12.76 -21.81
N ALA D 114 3.95 12.10 -20.65
CA ALA D 114 5.17 12.16 -19.86
C ALA D 114 6.36 11.55 -20.61
N VAL D 115 6.13 10.38 -21.23
CA VAL D 115 7.18 9.76 -22.05
C VAL D 115 7.52 10.64 -23.24
N SER D 116 6.53 11.31 -23.84
CA SER D 116 6.80 12.18 -24.97
C SER D 116 7.72 13.33 -24.59
N GLU D 117 7.40 14.03 -23.50
CA GLU D 117 8.23 15.14 -23.06
C GLU D 117 9.61 14.67 -22.64
N GLY D 118 9.67 13.49 -22.00
CA GLY D 118 10.95 12.97 -21.57
C GLY D 118 11.86 12.62 -22.74
N THR D 119 11.31 11.93 -23.74
CA THR D 119 12.09 11.60 -24.93
C THR D 119 12.52 12.86 -25.67
N LYS D 120 11.65 13.87 -25.70
CA LYS D 120 12.03 15.15 -26.31
C LYS D 120 13.24 15.75 -25.60
N ALA D 121 13.19 15.79 -24.27
CA ALA D 121 14.30 16.38 -23.50
C ALA D 121 15.58 15.57 -23.67
N VAL D 122 15.47 14.24 -23.68
CA VAL D 122 16.66 13.40 -23.81
C VAL D 122 17.30 13.56 -25.17
N THR D 123 16.49 13.49 -26.24
CA THR D 123 17.04 13.68 -27.58
C THR D 123 17.60 15.08 -27.76
N LYS D 124 17.03 16.07 -27.06
CA LYS D 124 17.60 17.42 -27.13
C LYS D 124 18.91 17.52 -26.37
N TYR D 125 19.08 16.73 -25.31
CA TYR D 125 20.30 16.79 -24.50
C TYR D 125 21.44 16.00 -25.10
N THR D 126 21.14 14.90 -25.79
CA THR D 126 22.21 14.05 -26.34
C THR D 126 22.96 14.75 -27.44
N SER D 127 22.26 15.52 -28.28
CA SER D 127 22.93 16.22 -29.38
C SER D 127 23.95 17.23 -28.88
N ALA D 128 23.88 17.63 -27.60
CA ALA D 128 24.81 18.57 -26.99
C ALA D 128 24.95 19.87 -27.78
N LYS D 129 23.91 20.21 -28.55
CA LYS D 129 23.97 21.36 -29.44
C LYS D 129 23.95 22.67 -28.66
N ARG E 38 -40.11 27.70 11.81
CA ARG E 38 -39.46 26.45 12.15
C ARG E 38 -39.02 25.67 10.91
N TRP E 39 -37.76 25.23 10.92
CA TRP E 39 -37.23 24.49 9.80
C TRP E 39 -37.66 23.02 9.90
N ARG E 40 -37.98 22.43 8.76
CA ARG E 40 -38.32 21.01 8.74
C ARG E 40 -37.07 20.18 9.04
N PRO E 41 -37.22 19.04 9.71
CA PRO E 41 -36.05 18.21 10.01
C PRO E 41 -35.44 17.60 8.76
N GLY E 42 -34.12 17.64 8.68
CA GLY E 42 -33.37 17.22 7.52
C GLY E 42 -32.96 18.33 6.59
N THR E 43 -33.68 19.45 6.59
CA THR E 43 -33.32 20.57 5.73
C THR E 43 -32.12 21.33 6.29
N CYS E 44 -32.18 21.69 7.57
CA CYS E 44 -31.04 22.31 8.22
C CYS E 44 -29.82 21.40 8.21
N ALA E 45 -30.04 20.08 8.16
CA ALA E 45 -28.94 19.14 8.08
C ALA E 45 -28.33 19.12 6.69
N ILE E 46 -29.17 19.15 5.65
CA ILE E 46 -28.67 19.09 4.27
C ILE E 46 -27.83 20.32 3.97
N ARG E 47 -28.30 21.50 4.34
CA ARG E 47 -27.55 22.72 4.07
C ARG E 47 -26.31 22.84 4.96
N GLU E 48 -26.23 22.08 6.05
CA GLU E 48 -24.97 21.98 6.78
C GLU E 48 -23.90 21.30 5.94
N ILE E 49 -24.27 20.21 5.26
CA ILE E 49 -23.31 19.46 4.44
C ILE E 49 -22.62 20.37 3.42
N ARG E 50 -23.35 21.36 2.89
CA ARG E 50 -22.77 22.23 1.87
C ARG E 50 -21.67 23.12 2.45
N LYS E 51 -21.95 23.76 3.59
CA LYS E 51 -20.94 24.60 4.23
C LYS E 51 -19.69 23.81 4.59
N PHE E 52 -19.85 22.67 5.27
CA PHE E 52 -18.68 21.95 5.74
C PHE E 52 -17.93 21.26 4.60
N GLN E 53 -18.63 20.88 3.53
CA GLN E 53 -17.94 20.38 2.35
C GLN E 53 -17.32 21.49 1.50
N LYS E 54 -17.69 22.75 1.74
CA LYS E 54 -17.02 23.86 1.09
C LYS E 54 -15.82 24.38 1.86
N SER E 55 -15.88 24.34 3.19
CA SER E 55 -14.77 24.83 4.01
C SER E 55 -13.69 23.76 4.15
N THR E 56 -12.51 24.21 4.63
CA THR E 56 -11.39 23.32 4.87
C THR E 56 -10.82 23.41 6.28
N SER E 57 -11.28 24.37 7.09
CA SER E 57 -10.73 24.54 8.42
C SER E 57 -10.94 23.30 9.28
N LEU E 58 -10.20 23.23 10.38
CA LEU E 58 -10.29 22.09 11.28
C LEU E 58 -11.67 22.03 11.93
N LEU E 59 -12.30 20.86 11.89
CA LEU E 59 -13.62 20.67 12.45
C LEU E 59 -13.59 20.22 13.89
N ILE E 60 -12.41 20.00 14.46
CA ILE E 60 -12.26 19.64 15.86
C ILE E 60 -11.53 20.76 16.57
N GLN E 61 -11.94 21.04 17.80
CA GLN E 61 -11.25 22.02 18.63
C GLN E 61 -9.82 21.55 18.90
N CYS E 62 -8.85 22.45 18.71
CA CYS E 62 -7.45 22.05 18.76
C CYS E 62 -6.99 21.69 20.17
N ALA E 63 -7.54 22.35 21.19
CA ALA E 63 -7.08 22.09 22.55
C ALA E 63 -7.41 20.67 23.02
N PRO E 64 -8.65 20.17 22.88
CA PRO E 64 -8.90 18.79 23.30
C PRO E 64 -8.18 17.75 22.45
N PHE E 65 -7.95 18.03 21.17
CA PHE E 65 -7.20 17.08 20.35
C PHE E 65 -5.73 17.04 20.76
N GLN E 66 -5.18 18.19 21.16
CA GLN E 66 -3.80 18.25 21.62
C GLN E 66 -3.64 17.59 22.98
N ARG E 67 -4.67 17.70 23.83
CA ARG E 67 -4.66 17.03 25.13
C ARG E 67 -4.60 15.52 24.97
N LEU E 68 -5.36 14.97 24.02
CA LEU E 68 -5.41 13.52 23.84
C LEU E 68 -4.11 12.98 23.24
N VAL E 69 -3.55 13.70 22.27
CA VAL E 69 -2.30 13.28 21.64
C VAL E 69 -1.22 13.12 22.70
N ARG E 70 -1.10 14.10 23.60
CA ARG E 70 -0.10 14.01 24.67
C ARG E 70 -0.44 12.91 25.65
N GLU E 71 -1.73 12.62 25.85
CA GLU E 71 -2.13 11.48 26.67
C GLU E 71 -1.56 10.18 26.12
N VAL E 72 -1.77 9.93 24.82
CA VAL E 72 -1.30 8.67 24.25
C VAL E 72 0.22 8.63 24.19
N SER E 73 0.84 9.77 23.84
CA SER E 73 2.29 9.81 23.73
C SER E 73 2.95 9.55 25.08
N SER E 74 2.41 10.14 26.15
CA SER E 74 2.92 9.83 27.48
C SER E 74 2.51 8.44 27.93
N ALA E 75 1.46 7.88 27.33
CA ALA E 75 1.13 6.49 27.59
C ALA E 75 2.16 5.55 26.99
N GLN E 76 2.83 5.96 25.91
CA GLN E 76 3.87 5.13 25.32
C GLN E 76 5.29 5.47 25.79
N LYS E 77 5.50 6.68 26.32
CA LYS E 77 6.82 7.09 26.81
C LYS E 77 6.71 8.40 27.58
N GLU E 78 7.24 8.42 28.80
CA GLU E 78 7.10 9.60 29.65
C GLU E 78 8.01 10.72 29.18
N GLY E 79 7.56 11.95 29.41
CA GLY E 79 8.36 13.13 29.12
C GLY E 79 8.66 13.35 27.65
N LEU E 80 7.66 13.20 26.79
CA LEU E 80 7.82 13.42 25.35
C LEU E 80 7.22 14.76 24.96
N ARG E 81 7.92 15.47 24.08
CA ARG E 81 7.49 16.76 23.57
C ARG E 81 7.04 16.66 22.13
N PHE E 82 6.40 17.73 21.66
CA PHE E 82 5.83 17.78 20.32
C PHE E 82 6.14 19.12 19.68
N GLN E 83 6.53 19.09 18.41
CA GLN E 83 6.59 20.32 17.63
C GLN E 83 5.18 20.88 17.47
N SER E 84 5.07 22.21 17.50
CA SER E 84 3.77 22.84 17.30
C SER E 84 3.18 22.45 15.95
N SER E 85 4.03 22.34 14.92
CA SER E 85 3.56 21.90 13.61
C SER E 85 3.19 20.42 13.59
N ALA E 86 3.87 19.61 14.42
CA ALA E 86 3.68 18.17 14.34
C ALA E 86 2.27 17.75 14.75
N ILE E 87 1.70 18.42 15.75
CA ILE E 87 0.36 18.05 16.18
C ILE E 87 -0.66 18.45 15.13
N MET E 88 -0.41 19.54 14.39
CA MET E 88 -1.25 19.89 13.26
C MET E 88 -1.26 18.78 12.21
N ALA E 89 -0.14 18.09 12.03
CA ALA E 89 -0.10 16.97 11.08
C ALA E 89 -1.02 15.84 11.52
N LEU E 90 -1.05 15.54 12.82
CA LEU E 90 -1.91 14.48 13.31
C LEU E 90 -3.39 14.80 13.08
N GLN E 91 -3.78 16.06 13.33
CA GLN E 91 -5.18 16.43 13.21
C GLN E 91 -5.68 16.32 11.78
N GLU E 92 -4.86 16.76 10.81
CA GLU E 92 -5.26 16.66 9.41
C GLU E 92 -5.46 15.20 9.00
N ALA E 93 -4.51 14.34 9.38
CA ALA E 93 -4.59 12.94 8.99
C ALA E 93 -5.79 12.25 9.62
N THR E 94 -6.01 12.47 10.92
CA THR E 94 -7.15 11.86 11.60
C THR E 94 -8.46 12.36 11.00
N GLU E 95 -8.57 13.67 10.78
CA GLU E 95 -9.78 14.22 10.18
C GLU E 95 -10.04 13.63 8.80
N ALA E 96 -9.00 13.52 7.96
CA ALA E 96 -9.21 12.97 6.63
C ALA E 96 -9.63 11.52 6.69
N TYR E 97 -8.93 10.73 7.52
CA TYR E 97 -9.29 9.32 7.69
C TYR E 97 -10.75 9.16 8.10
N ILE E 98 -11.16 9.94 9.10
CA ILE E 98 -12.52 9.79 9.62
C ILE E 98 -13.53 10.27 8.61
N VAL E 99 -13.21 11.31 7.84
CA VAL E 99 -14.15 11.79 6.81
C VAL E 99 -14.37 10.72 5.75
N SER E 100 -13.27 10.12 5.27
CA SER E 100 -13.42 9.05 4.29
C SER E 100 -14.21 7.88 4.87
N LEU E 101 -13.95 7.52 6.13
CA LEU E 101 -14.71 6.44 6.76
C LEU E 101 -16.19 6.78 6.84
N MET E 102 -16.52 8.06 7.09
CA MET E 102 -17.91 8.47 7.15
C MET E 102 -18.57 8.35 5.78
N ALA E 103 -17.86 8.74 4.72
CA ALA E 103 -18.43 8.62 3.38
C ALA E 103 -18.70 7.15 3.04
N ASP E 104 -17.77 6.25 3.36
CA ASP E 104 -17.98 4.85 3.04
C ASP E 104 -19.10 4.24 3.89
N THR E 105 -19.17 4.62 5.18
CA THR E 105 -20.28 4.17 6.01
C THR E 105 -21.62 4.62 5.44
N ASN E 106 -21.71 5.89 5.02
CA ASN E 106 -22.95 6.37 4.44
C ASN E 106 -23.28 5.62 3.16
N LEU E 107 -22.27 5.24 2.37
CA LEU E 107 -22.53 4.40 1.21
C LEU E 107 -23.11 3.05 1.63
N ALA E 108 -22.58 2.47 2.71
CA ALA E 108 -23.12 1.21 3.21
C ALA E 108 -24.58 1.37 3.64
N CYS E 109 -24.92 2.53 4.21
CA CYS E 109 -26.31 2.76 4.62
C CYS E 109 -27.23 2.89 3.41
N ILE E 110 -26.82 3.71 2.43
CA ILE E 110 -27.58 3.83 1.19
C ILE E 110 -27.80 2.46 0.57
N HIS E 111 -26.79 1.59 0.62
CA HIS E 111 -26.95 0.25 0.08
C HIS E 111 -27.95 -0.55 0.91
N ALA E 112 -27.89 -0.44 2.23
CA ALA E 112 -28.86 -1.08 3.12
C ALA E 112 -30.22 -0.41 3.11
N LYS E 113 -30.43 0.59 2.26
CA LYS E 113 -31.73 1.22 2.06
C LYS E 113 -32.19 2.04 3.27
N ARG E 114 -31.26 2.77 3.90
CA ARG E 114 -31.58 3.63 5.02
C ARG E 114 -30.84 4.96 4.84
N VAL E 115 -31.06 5.87 5.79
CA VAL E 115 -30.38 7.15 5.83
C VAL E 115 -29.60 7.32 7.12
N THR E 116 -30.12 6.82 8.23
CA THR E 116 -29.45 6.90 9.52
C THR E 116 -28.28 5.92 9.56
N ILE E 117 -27.07 6.44 9.80
CA ILE E 117 -25.91 5.59 9.94
C ILE E 117 -25.94 4.89 11.29
N GLN E 118 -25.49 3.64 11.33
CA GLN E 118 -25.49 2.83 12.55
C GLN E 118 -24.15 2.12 12.65
N PRO E 119 -23.75 1.74 13.88
CA PRO E 119 -22.48 1.00 14.03
C PRO E 119 -22.43 -0.29 13.25
N LYS E 120 -23.58 -0.90 12.97
CA LYS E 120 -23.63 -2.06 12.08
C LYS E 120 -23.02 -1.76 10.72
N ASP E 121 -23.01 -0.49 10.31
CA ASP E 121 -22.48 -0.08 9.02
C ASP E 121 -20.99 0.24 9.08
N ILE E 122 -20.54 0.84 10.19
CA ILE E 122 -19.13 1.20 10.33
C ILE E 122 -18.26 -0.05 10.29
N GLN E 123 -18.63 -1.07 11.06
CA GLN E 123 -17.85 -2.31 11.11
C GLN E 123 -17.86 -3.04 9.76
N LEU E 124 -18.85 -2.79 8.92
CA LEU E 124 -18.80 -3.31 7.56
C LEU E 124 -17.75 -2.56 6.74
N ALA E 125 -17.70 -1.23 6.86
CA ALA E 125 -16.72 -0.46 6.11
C ALA E 125 -15.31 -0.80 6.53
N LEU E 126 -15.07 -0.88 7.84
CA LEU E 126 -13.75 -1.24 8.34
C LEU E 126 -13.34 -2.64 7.89
N ARG E 127 -14.32 -3.54 7.73
CA ARG E 127 -14.00 -4.90 7.31
C ARG E 127 -13.64 -4.96 5.83
N LEU E 128 -14.26 -4.11 5.00
CA LEU E 128 -13.98 -4.11 3.57
C LEU E 128 -12.82 -3.21 3.18
N ARG E 129 -12.37 -2.31 4.06
CA ARG E 129 -11.23 -1.46 3.74
C ARG E 129 -9.90 -2.19 3.83
N GLY E 130 -9.90 -3.50 4.07
CA GLY E 130 -8.66 -4.23 4.23
C GLY E 130 -7.85 -3.84 5.45
N GLU E 131 -8.48 -3.22 6.44
CA GLU E 131 -7.79 -2.75 7.63
C GLU E 131 -8.33 -3.35 8.92
N ARG E 132 -9.45 -4.07 8.88
CA ARG E 132 -10.05 -4.64 10.08
C ARG E 132 -10.88 -5.88 9.72
N ARG F 23 4.97 14.32 33.73
CA ARG F 23 4.38 15.56 33.24
C ARG F 23 3.06 15.86 33.94
N LYS F 24 2.10 14.94 33.82
CA LYS F 24 0.76 15.11 34.37
C LYS F 24 0.03 13.79 34.27
N VAL F 25 -0.76 13.50 35.31
CA VAL F 25 -1.64 12.31 35.30
C VAL F 25 -2.98 12.76 34.75
N LEU F 26 -3.04 12.89 33.41
CA LEU F 26 -4.26 13.31 32.75
C LEU F 26 -5.35 12.26 32.92
N ARG F 27 -6.60 12.70 32.77
CA ARG F 27 -7.74 11.82 32.93
C ARG F 27 -8.93 12.37 32.16
N ASP F 28 -9.53 11.53 31.31
CA ASP F 28 -10.73 11.87 30.55
C ASP F 28 -10.48 13.08 29.64
N ASN F 29 -9.67 12.84 28.60
CA ASN F 29 -9.54 13.78 27.51
C ASN F 29 -10.38 13.40 26.31
N ILE F 30 -10.92 12.17 26.28
CA ILE F 30 -11.82 11.77 25.23
C ILE F 30 -13.12 12.56 25.31
N GLN F 31 -13.47 13.07 26.48
CA GLN F 31 -14.58 13.99 26.62
C GLN F 31 -14.42 15.22 25.74
N GLY F 32 -13.19 15.53 25.32
CA GLY F 32 -12.99 16.70 24.48
C GLY F 32 -13.51 16.53 23.07
N ILE F 33 -13.58 15.29 22.58
CA ILE F 33 -14.21 15.03 21.30
C ILE F 33 -15.71 15.14 21.50
N THR F 34 -16.28 16.31 21.25
CA THR F 34 -17.67 16.55 21.57
C THR F 34 -18.58 15.80 20.60
N LYS F 35 -19.83 15.59 21.02
CA LYS F 35 -20.83 15.05 20.12
C LYS F 35 -21.06 15.95 18.91
N PRO F 36 -21.27 17.27 19.06
CA PRO F 36 -21.46 18.11 17.87
C PRO F 36 -20.24 18.17 16.97
N ALA F 37 -19.04 17.96 17.50
CA ALA F 37 -17.86 17.92 16.65
C ALA F 37 -17.88 16.70 15.74
N ILE F 38 -18.22 15.53 16.30
CA ILE F 38 -18.40 14.34 15.47
C ILE F 38 -19.53 14.56 14.48
N ARG F 39 -20.58 15.27 14.90
CA ARG F 39 -21.66 15.62 13.99
C ARG F 39 -21.14 16.43 12.81
N ARG F 40 -20.28 17.41 13.07
CA ARG F 40 -19.72 18.22 11.99
C ARG F 40 -18.85 17.38 11.07
N LEU F 41 -18.01 16.52 11.63
CA LEU F 41 -17.17 15.65 10.82
C LEU F 41 -18.02 14.74 9.93
N ALA F 42 -19.13 14.22 10.47
CA ALA F 42 -20.02 13.40 9.67
C ALA F 42 -20.70 14.22 8.59
N ARG F 43 -21.07 15.46 8.90
CA ARG F 43 -21.71 16.30 7.89
C ARG F 43 -20.76 16.60 6.74
N ARG F 44 -19.47 16.79 7.04
CA ARG F 44 -18.49 16.91 5.96
C ARG F 44 -18.42 15.63 5.13
N GLY F 45 -18.58 14.47 5.77
CA GLY F 45 -18.56 13.21 5.05
C GLY F 45 -19.79 12.95 4.20
N GLY F 46 -20.81 13.81 4.28
CA GLY F 46 -22.00 13.65 3.48
C GLY F 46 -23.12 12.85 4.11
N VAL F 47 -23.16 12.75 5.43
CA VAL F 47 -24.19 11.99 6.12
C VAL F 47 -25.35 12.91 6.47
N LYS F 48 -26.58 12.42 6.28
CA LYS F 48 -27.77 13.22 6.56
C LYS F 48 -28.34 12.95 7.95
N ARG F 49 -28.41 11.69 8.36
CA ARG F 49 -29.04 11.33 9.62
C ARG F 49 -28.14 10.38 10.39
N ILE F 50 -28.06 10.57 11.70
CA ILE F 50 -27.07 9.91 12.54
C ILE F 50 -27.78 9.23 13.71
N SER F 51 -27.46 7.96 13.94
CA SER F 51 -27.93 7.26 15.12
C SER F 51 -27.09 7.66 16.34
N GLY F 52 -27.68 7.48 17.52
CA GLY F 52 -26.98 7.83 18.74
C GLY F 52 -25.82 6.91 19.05
N LEU F 53 -25.89 5.66 18.61
CA LEU F 53 -24.84 4.68 18.88
C LEU F 53 -23.57 4.92 18.07
N ILE F 54 -23.56 5.89 17.17
CA ILE F 54 -22.39 6.12 16.31
C ILE F 54 -21.21 6.65 17.10
N TYR F 55 -21.45 7.61 18.00
CA TYR F 55 -20.36 8.36 18.61
C TYR F 55 -19.36 7.46 19.32
N GLU F 56 -19.84 6.38 19.95
CA GLU F 56 -18.96 5.47 20.68
C GLU F 56 -17.96 4.80 19.73
N GLU F 57 -18.49 4.12 18.70
CA GLU F 57 -17.61 3.48 17.72
C GLU F 57 -16.69 4.49 17.06
N THR F 58 -17.19 5.71 16.83
CA THR F 58 -16.36 6.76 16.23
C THR F 58 -15.13 7.04 17.11
N ARG F 59 -15.37 7.36 18.38
CA ARG F 59 -14.25 7.64 19.28
C ARG F 59 -13.33 6.44 19.40
N GLY F 60 -13.88 5.22 19.36
CA GLY F 60 -13.04 4.04 19.42
C GLY F 60 -12.08 3.94 18.24
N VAL F 61 -12.62 4.05 17.03
CA VAL F 61 -11.79 3.94 15.83
C VAL F 61 -10.76 5.07 15.80
N LEU F 62 -11.19 6.29 16.12
CA LEU F 62 -10.25 7.42 16.17
C LEU F 62 -9.11 7.15 17.15
N LYS F 63 -9.43 6.64 18.34
CA LYS F 63 -8.38 6.41 19.33
C LYS F 63 -7.44 5.30 18.87
N VAL F 64 -7.96 4.26 18.22
CA VAL F 64 -7.10 3.18 17.74
C VAL F 64 -6.13 3.71 16.69
N PHE F 65 -6.64 4.45 15.71
CA PHE F 65 -5.79 5.02 14.67
C PHE F 65 -4.72 5.92 15.28
N LEU F 66 -5.14 6.79 16.21
CA LEU F 66 -4.18 7.69 16.86
C LEU F 66 -3.09 6.91 17.60
N GLU F 67 -3.48 5.83 18.30
CA GLU F 67 -2.50 5.02 19.01
C GLU F 67 -1.50 4.39 18.06
N ASN F 68 -1.96 3.89 16.91
CA ASN F 68 -1.04 3.32 15.94
C ASN F 68 -0.05 4.38 15.44
N VAL F 69 -0.58 5.51 14.97
CA VAL F 69 0.28 6.55 14.39
C VAL F 69 1.28 7.06 15.40
N ILE F 70 0.84 7.29 16.64
CA ILE F 70 1.74 7.79 17.67
C ILE F 70 2.76 6.73 18.05
N ARG F 71 2.37 5.45 18.02
CA ARG F 71 3.34 4.37 18.23
C ARG F 71 4.48 4.47 17.24
N ASP F 72 4.15 4.51 15.94
CA ASP F 72 5.20 4.54 14.92
C ASP F 72 6.03 5.83 15.03
N ALA F 73 5.38 6.96 15.30
CA ALA F 73 6.11 8.21 15.39
C ALA F 73 7.08 8.21 16.56
N VAL F 74 6.64 7.69 17.71
CA VAL F 74 7.51 7.61 18.87
C VAL F 74 8.67 6.66 18.62
N THR F 75 8.44 5.59 17.86
CA THR F 75 9.57 4.73 17.50
C THR F 75 10.57 5.48 16.62
N TYR F 76 10.07 6.24 15.64
CA TYR F 76 10.97 7.05 14.81
C TYR F 76 11.78 8.03 15.65
N THR F 77 11.14 8.65 16.64
CA THR F 77 11.83 9.61 17.49
C THR F 77 12.88 8.93 18.35
N GLU F 78 12.50 7.85 19.04
CA GLU F 78 13.45 7.14 19.88
C GLU F 78 14.64 6.61 19.08
N HIS F 79 14.44 6.31 17.79
CA HIS F 79 15.59 5.99 16.96
C HIS F 79 16.40 7.23 16.60
N ALA F 80 15.73 8.37 16.43
CA ALA F 80 16.40 9.61 16.10
C ALA F 80 17.15 10.24 17.28
N LYS F 81 17.15 9.59 18.45
CA LYS F 81 17.88 10.08 19.63
C LYS F 81 17.36 11.45 20.07
N ARG F 82 16.05 11.57 20.22
CA ARG F 82 15.44 12.86 20.57
C ARG F 82 14.26 12.66 21.50
N LYS F 83 13.86 13.76 22.14
CA LYS F 83 12.69 13.82 23.00
C LYS F 83 11.50 14.51 22.35
N THR F 84 11.71 15.16 21.20
CA THR F 84 10.68 15.91 20.51
C THR F 84 10.20 15.14 19.28
N VAL F 85 8.89 15.18 19.03
CA VAL F 85 8.28 14.50 17.91
C VAL F 85 8.03 15.55 16.84
N THR F 86 8.86 15.56 15.82
CA THR F 86 8.71 16.52 14.73
C THR F 86 7.63 16.07 13.76
N ALA F 87 7.28 16.96 12.82
CA ALA F 87 6.22 16.64 11.87
C ALA F 87 6.68 15.60 10.87
N MET F 88 7.98 15.58 10.54
CA MET F 88 8.49 14.58 9.62
C MET F 88 8.31 13.17 10.19
N ASP F 89 8.45 13.04 11.51
CA ASP F 89 8.20 11.75 12.15
C ASP F 89 6.76 11.31 11.93
N VAL F 90 5.82 12.24 12.05
CA VAL F 90 4.42 11.93 11.79
C VAL F 90 4.21 11.52 10.35
N VAL F 91 4.85 12.24 9.42
CA VAL F 91 4.69 11.92 8.01
C VAL F 91 5.23 10.52 7.72
N TYR F 92 6.35 10.15 8.32
CA TYR F 92 6.89 8.80 8.15
C TYR F 92 5.95 7.76 8.74
N ALA F 93 5.44 8.04 9.95
CA ALA F 93 4.52 7.10 10.61
C ALA F 93 3.28 6.86 9.76
N LEU F 94 2.76 7.92 9.13
CA LEU F 94 1.60 7.75 8.27
C LEU F 94 1.96 7.01 6.99
N LYS F 95 3.12 7.31 6.41
CA LYS F 95 3.54 6.64 5.19
C LYS F 95 3.76 5.15 5.41
N ARG F 96 4.15 4.75 6.62
CA ARG F 96 4.30 3.33 6.92
C ARG F 96 2.97 2.59 6.84
N GLN F 97 1.86 3.29 7.11
CA GLN F 97 0.53 2.72 7.04
C GLN F 97 -0.12 2.92 5.67
N GLY F 98 0.66 3.27 4.66
CA GLY F 98 0.12 3.50 3.34
C GLY F 98 -0.73 4.75 3.24
N ARG F 99 -0.34 5.82 3.96
CA ARG F 99 -1.13 7.05 4.02
C ARG F 99 -0.19 8.24 3.83
N THR F 100 0.23 8.47 2.59
CA THR F 100 1.07 9.62 2.28
C THR F 100 0.35 10.93 2.61
N LEU F 101 1.08 11.88 3.19
CA LEU F 101 0.54 13.18 3.52
C LEU F 101 1.45 14.27 2.99
N TYR F 102 0.88 15.23 2.26
CA TYR F 102 1.63 16.36 1.74
C TYR F 102 1.32 17.61 2.56
N GLY F 103 2.29 18.52 2.62
CA GLY F 103 2.10 19.83 3.23
C GLY F 103 2.96 20.13 4.43
N PHE F 104 3.69 19.14 4.95
CA PHE F 104 4.53 19.37 6.11
C PHE F 104 5.94 18.81 5.94
N GLY F 105 6.31 18.41 4.71
CA GLY F 105 7.67 18.01 4.43
C GLY F 105 8.65 19.16 4.33
N GLY F 106 8.23 20.36 4.71
CA GLY F 106 9.05 21.55 4.62
C GLY F 106 8.21 22.81 4.79
N LYS G 19 33.19 -22.44 13.32
CA LYS G 19 34.09 -21.29 13.23
C LYS G 19 33.44 -20.17 12.40
N THR G 20 32.51 -20.55 11.52
CA THR G 20 31.84 -19.59 10.67
C THR G 20 31.06 -18.58 11.49
N ARG G 21 30.72 -17.45 10.85
CA ARG G 21 29.98 -16.40 11.53
C ARG G 21 28.60 -16.87 11.97
N SER G 22 27.97 -17.74 11.17
CA SER G 22 26.67 -18.28 11.55
C SER G 22 26.76 -19.11 12.83
N SER G 23 27.81 -19.92 12.95
CA SER G 23 28.00 -20.70 14.17
C SER G 23 28.48 -19.82 15.32
N ARG G 24 29.33 -18.83 15.02
CA ARG G 24 29.80 -17.90 16.04
C ARG G 24 28.63 -17.12 16.64
N ALA G 25 27.59 -16.87 15.86
CA ALA G 25 26.41 -16.17 16.34
C ALA G 25 25.32 -17.12 16.85
N GLY G 26 25.43 -18.41 16.56
CA GLY G 26 24.42 -19.35 16.97
C GLY G 26 23.20 -19.36 16.09
N LEU G 27 23.38 -19.22 14.78
CA LEU G 27 22.29 -19.18 13.83
C LEU G 27 22.38 -20.35 12.87
N GLN G 28 21.35 -20.49 12.03
CA GLN G 28 21.32 -21.45 10.95
C GLN G 28 21.43 -20.81 9.57
N PHE G 29 21.16 -19.50 9.47
CA PHE G 29 21.18 -18.73 8.24
C PHE G 29 22.55 -18.09 8.02
N PRO G 30 23.03 -18.10 6.78
CA PRO G 30 24.40 -17.62 6.52
C PRO G 30 24.55 -16.12 6.62
N VAL G 31 25.25 -15.65 7.66
CA VAL G 31 25.47 -14.22 7.82
C VAL G 31 26.23 -13.66 6.63
N GLY G 32 27.08 -14.47 5.99
CA GLY G 32 27.81 -13.99 4.84
C GLY G 32 26.91 -13.68 3.65
N ARG G 33 25.90 -14.53 3.42
CA ARG G 33 24.96 -14.28 2.34
C ARG G 33 24.17 -13.00 2.58
N VAL G 34 23.74 -12.78 3.83
CA VAL G 34 23.03 -11.56 4.17
C VAL G 34 23.93 -10.34 4.00
N HIS G 35 25.21 -10.47 4.36
CA HIS G 35 26.15 -9.38 4.18
C HIS G 35 26.31 -9.03 2.71
N ARG G 36 26.50 -10.04 1.86
CA ARG G 36 26.66 -9.78 0.43
C ARG G 36 25.40 -9.17 -0.16
N LEU G 37 24.24 -9.71 0.18
CA LEU G 37 22.98 -9.18 -0.33
C LEU G 37 22.73 -7.75 0.14
N LEU G 38 23.14 -7.44 1.37
CA LEU G 38 22.96 -6.08 1.88
C LEU G 38 23.87 -5.10 1.17
N ARG G 39 25.14 -5.47 0.96
CA ARG G 39 26.05 -4.58 0.24
C ARG G 39 25.62 -4.38 -1.20
N LYS G 40 25.45 -5.49 -1.94
CA LYS G 40 25.17 -5.41 -3.37
C LYS G 40 23.73 -5.02 -3.69
N GLY G 41 22.89 -4.81 -2.68
CA GLY G 41 21.49 -4.51 -2.88
C GLY G 41 21.14 -3.05 -3.07
N ASN G 42 22.10 -2.14 -2.96
CA ASN G 42 21.86 -0.70 -3.03
C ASN G 42 20.85 -0.26 -1.97
N TYR G 43 21.12 -0.63 -0.72
CA TYR G 43 20.38 -0.13 0.42
C TYR G 43 21.11 0.99 1.16
N SER G 44 22.42 0.84 1.36
CA SER G 44 23.23 1.89 1.93
C SER G 44 24.66 1.72 1.45
N GLU G 45 25.41 2.82 1.47
CA GLU G 45 26.79 2.77 1.02
C GLU G 45 27.64 1.91 1.94
N ARG G 46 27.49 2.09 3.24
CA ARG G 46 28.21 1.30 4.23
C ARG G 46 27.25 0.39 4.98
N VAL G 47 27.74 -0.79 5.35
CA VAL G 47 26.94 -1.82 5.99
C VAL G 47 27.66 -2.28 7.24
N GLY G 48 26.99 -2.16 8.38
CA GLY G 48 27.61 -2.53 9.65
C GLY G 48 27.91 -4.01 9.74
N ALA G 49 28.64 -4.37 10.79
CA ALA G 49 29.06 -5.76 10.99
C ALA G 49 28.03 -6.58 11.74
N GLY G 50 27.31 -5.97 12.68
CA GLY G 50 26.28 -6.68 13.41
C GLY G 50 24.91 -6.69 12.76
N ALA G 51 24.71 -5.82 11.77
CA ALA G 51 23.42 -5.79 11.07
C ALA G 51 23.09 -7.11 10.37
N PRO G 52 23.99 -7.72 9.59
CA PRO G 52 23.62 -9.01 8.97
C PRO G 52 23.36 -10.11 9.98
N VAL G 53 24.10 -10.13 11.08
CA VAL G 53 23.83 -11.09 12.16
C VAL G 53 22.42 -10.88 12.70
N TYR G 54 22.10 -9.64 13.06
CA TYR G 54 20.78 -9.32 13.60
C TYR G 54 19.67 -9.76 12.64
N LEU G 55 19.81 -9.41 11.36
CA LEU G 55 18.76 -9.68 10.39
C LEU G 55 18.61 -11.18 10.15
N ALA G 56 19.73 -11.91 10.05
CA ALA G 56 19.65 -13.36 9.89
C ALA G 56 19.00 -14.00 11.11
N ALA G 57 19.25 -13.45 12.30
CA ALA G 57 18.60 -13.96 13.50
C ALA G 57 17.09 -13.77 13.43
N VAL G 58 16.65 -12.58 13.03
CA VAL G 58 15.20 -12.32 12.95
C VAL G 58 14.56 -13.26 11.93
N LEU G 59 15.19 -13.40 10.76
CA LEU G 59 14.65 -14.27 9.73
C LEU G 59 14.54 -15.71 10.23
N GLU G 60 15.59 -16.20 10.89
CA GLU G 60 15.54 -17.55 11.46
C GLU G 60 14.40 -17.70 12.45
N TYR G 61 14.21 -16.69 13.32
CA TYR G 61 13.13 -16.78 14.30
C TYR G 61 11.78 -16.88 13.62
N LEU G 62 11.51 -16.03 12.63
CA LEU G 62 10.20 -16.05 11.99
C LEU G 62 9.96 -17.35 11.23
N THR G 63 11.00 -17.83 10.53
CA THR G 63 10.88 -19.11 9.83
C THR G 63 10.58 -20.24 10.81
N ALA G 64 11.26 -20.23 11.97
CA ALA G 64 10.98 -21.24 12.99
C ALA G 64 9.53 -21.15 13.47
N GLU G 65 9.03 -19.92 13.67
CA GLU G 65 7.64 -19.73 14.06
C GLU G 65 6.70 -20.41 13.06
N ILE G 66 6.79 -20.01 11.79
CA ILE G 66 5.85 -20.50 10.79
C ILE G 66 5.99 -22.01 10.60
N LEU G 67 7.21 -22.55 10.72
CA LEU G 67 7.39 -23.98 10.53
C LEU G 67 6.82 -24.79 11.70
N GLU G 68 6.97 -24.28 12.92
CA GLU G 68 6.34 -24.94 14.06
C GLU G 68 4.81 -24.93 13.92
N LEU G 69 4.24 -23.77 13.56
CA LEU G 69 2.79 -23.70 13.40
C LEU G 69 2.29 -24.65 12.32
N ALA G 70 2.97 -24.67 11.17
CA ALA G 70 2.54 -25.56 10.08
C ALA G 70 2.70 -27.02 10.47
N GLY G 71 3.79 -27.36 11.17
CA GLY G 71 3.96 -28.72 11.63
C GLY G 71 2.86 -29.16 12.58
N ASN G 72 2.48 -28.28 13.51
CA ASN G 72 1.42 -28.61 14.44
C ASN G 72 0.08 -28.79 13.71
N ALA G 73 -0.18 -27.95 12.70
CA ALA G 73 -1.40 -28.14 11.93
C ALA G 73 -1.36 -29.44 11.14
N ALA G 74 -0.16 -29.86 10.71
CA ALA G 74 -0.03 -31.14 10.03
C ALA G 74 -0.23 -32.31 10.99
N ARG G 75 0.12 -32.13 12.27
CA ARG G 75 -0.26 -33.14 13.26
C ARG G 75 -1.76 -33.19 13.44
N ASP G 76 -2.43 -32.02 13.47
CA ASP G 76 -3.88 -32.02 13.56
C ASP G 76 -4.52 -32.65 12.34
N ASN G 77 -3.82 -32.64 11.19
CA ASN G 77 -4.29 -33.36 10.02
C ASN G 77 -3.73 -34.77 9.93
N LYS G 78 -2.82 -35.16 10.83
CA LYS G 78 -2.23 -36.50 10.88
C LYS G 78 -1.42 -36.81 9.62
N LYS G 79 -0.59 -35.85 9.21
CA LYS G 79 0.30 -36.04 8.08
C LYS G 79 1.70 -35.58 8.44
N THR G 80 2.70 -36.20 7.80
CA THR G 80 4.10 -36.00 8.14
C THR G 80 4.87 -35.20 7.08
N ARG G 81 4.16 -34.46 6.24
CA ARG G 81 4.81 -33.69 5.18
C ARG G 81 4.07 -32.37 5.02
N ILE G 82 4.81 -31.27 5.07
CA ILE G 82 4.21 -29.94 5.02
C ILE G 82 3.88 -29.60 3.58
N ILE G 83 2.61 -29.22 3.35
CA ILE G 83 2.13 -28.83 2.03
C ILE G 83 1.65 -27.38 2.13
N PRO G 84 1.37 -26.70 1.01
CA PRO G 84 0.94 -25.29 1.12
C PRO G 84 -0.30 -25.09 1.97
N ARG G 85 -1.25 -26.04 1.95
CA ARG G 85 -2.46 -25.91 2.74
C ARG G 85 -2.13 -25.73 4.22
N HIS G 86 -1.16 -26.50 4.73
CA HIS G 86 -0.76 -26.37 6.12
C HIS G 86 -0.24 -24.96 6.41
N LEU G 87 0.51 -24.39 5.47
CA LEU G 87 1.03 -23.03 5.64
C LEU G 87 -0.09 -22.01 5.65
N GLN G 88 -1.04 -22.11 4.72
CA GLN G 88 -2.15 -21.18 4.69
C GLN G 88 -2.97 -21.25 5.98
N LEU G 89 -3.27 -22.47 6.43
CA LEU G 89 -4.04 -22.62 7.66
C LEU G 89 -3.27 -22.09 8.86
N ALA G 90 -1.96 -22.29 8.89
CA ALA G 90 -1.16 -21.82 10.00
C ALA G 90 -1.06 -20.30 10.03
N ILE G 91 -0.97 -19.66 8.87
CA ILE G 91 -0.87 -18.21 8.82
C ILE G 91 -2.20 -17.56 9.16
N ARG G 92 -3.30 -18.07 8.60
CA ARG G 92 -4.58 -17.39 8.76
C ARG G 92 -5.20 -17.62 10.14
N ASN G 93 -4.79 -18.67 10.85
CA ASN G 93 -5.31 -18.93 12.19
C ASN G 93 -4.56 -18.17 13.28
N ASP G 94 -3.47 -17.48 12.94
CA ASP G 94 -2.70 -16.73 13.92
C ASP G 94 -2.96 -15.23 13.74
N GLU G 95 -2.98 -14.51 14.86
CA GLU G 95 -3.30 -13.07 14.82
C GLU G 95 -2.16 -12.27 14.18
N GLU G 96 -0.95 -12.41 14.73
CA GLU G 96 0.16 -11.55 14.31
C GLU G 96 0.55 -11.85 12.87
N LEU G 97 0.73 -13.13 12.53
CA LEU G 97 1.11 -13.50 11.17
C LEU G 97 0.08 -13.06 10.15
N ASN G 98 -1.22 -13.15 10.50
CA ASN G 98 -2.25 -12.71 9.57
C ASN G 98 -2.21 -11.21 9.39
N LYS G 99 -2.00 -10.45 10.47
CA LYS G 99 -1.80 -9.02 10.34
C LYS G 99 -0.59 -8.69 9.47
N LEU G 100 0.45 -9.54 9.53
CA LEU G 100 1.67 -9.28 8.77
C LEU G 100 1.50 -9.54 7.27
N LEU G 101 0.71 -10.56 6.91
CA LEU G 101 0.64 -11.03 5.53
C LEU G 101 -0.76 -10.87 4.93
N GLY G 102 -1.53 -9.88 5.40
CA GLY G 102 -2.86 -9.67 4.86
C GLY G 102 -2.88 -9.40 3.36
N ARG G 103 -1.78 -8.88 2.82
CA ARG G 103 -1.68 -8.57 1.39
C ARG G 103 -0.97 -9.66 0.61
N VAL G 104 -1.12 -10.92 1.01
CA VAL G 104 -0.37 -12.03 0.44
C VAL G 104 -1.33 -13.17 0.11
N THR G 105 -1.07 -13.85 -1.00
CA THR G 105 -1.79 -15.05 -1.38
C THR G 105 -0.80 -16.21 -1.57
N ILE G 106 -1.26 -17.41 -1.24
CA ILE G 106 -0.42 -18.60 -1.25
C ILE G 106 -0.96 -19.56 -2.30
N ALA G 107 -0.12 -19.91 -3.27
CA ALA G 107 -0.52 -20.89 -4.28
C ALA G 107 -0.75 -22.25 -3.64
N GLN G 108 -1.73 -22.99 -4.18
CA GLN G 108 -2.15 -24.29 -3.66
C GLN G 108 -2.63 -24.21 -2.22
N GLY G 109 -3.08 -23.03 -1.78
CA GLY G 109 -3.30 -22.78 -0.38
C GLY G 109 -4.73 -23.01 0.11
N GLY G 110 -5.71 -22.66 -0.71
CA GLY G 110 -7.08 -22.70 -0.26
C GLY G 110 -7.40 -21.51 0.64
N VAL G 111 -8.48 -21.66 1.41
CA VAL G 111 -8.95 -20.60 2.29
C VAL G 111 -9.38 -21.22 3.63
N LEU G 112 -9.63 -20.35 4.60
CA LEU G 112 -10.06 -20.79 5.91
C LEU G 112 -11.53 -21.21 5.85
N PRO G 113 -11.87 -22.43 6.26
CA PRO G 113 -13.29 -22.84 6.25
C PRO G 113 -14.13 -22.01 7.20
N ASN G 114 -14.95 -21.10 6.65
CA ASN G 114 -15.81 -20.25 7.46
C ASN G 114 -17.07 -19.96 6.68
N ILE G 115 -18.22 -20.38 7.23
CA ILE G 115 -19.54 -20.10 6.65
C ILE G 115 -20.28 -19.20 7.63
N GLN G 116 -20.85 -18.12 7.10
CA GLN G 116 -21.53 -17.14 7.94
C GLN G 116 -22.66 -17.79 8.73
N ALA G 117 -22.90 -17.26 9.93
CA ALA G 117 -23.94 -17.80 10.80
C ALA G 117 -25.34 -17.52 10.30
N VAL G 118 -25.51 -16.51 9.43
CA VAL G 118 -26.84 -16.17 8.94
C VAL G 118 -27.33 -17.20 7.94
N LEU G 119 -26.41 -17.85 7.23
CA LEU G 119 -26.79 -18.74 6.14
C LEU G 119 -27.07 -20.17 6.59
N LEU G 120 -26.84 -20.49 7.86
CA LEU G 120 -27.02 -21.85 8.33
C LEU G 120 -28.48 -22.15 8.63
N PRO G 121 -28.87 -23.43 8.60
CA PRO G 121 -30.22 -23.81 9.02
C PRO G 121 -30.40 -23.63 10.51
N LYS G 122 -31.65 -23.79 10.94
CA LYS G 122 -32.04 -23.68 12.35
C LYS G 122 -31.65 -22.33 12.95
N LYS H 38 22.66 -20.28 -9.23
CA LYS H 38 21.63 -19.45 -8.61
C LYS H 38 21.37 -19.89 -7.19
N GLU H 39 21.34 -18.93 -6.26
CA GLU H 39 21.24 -19.22 -4.84
C GLU H 39 19.79 -19.38 -4.40
N SER H 40 19.61 -19.91 -3.20
CA SER H 40 18.30 -20.21 -2.62
C SER H 40 18.48 -20.52 -1.15
N TYR H 41 17.39 -20.39 -0.39
CA TYR H 41 17.40 -20.61 1.05
C TYR H 41 16.88 -21.99 1.44
N SER H 42 16.82 -22.93 0.49
CA SER H 42 16.18 -24.22 0.78
C SER H 42 16.88 -24.97 1.91
N ILE H 43 18.21 -25.01 1.88
CA ILE H 43 18.95 -25.82 2.85
C ILE H 43 18.79 -25.28 4.25
N TYR H 44 18.79 -23.96 4.41
CA TYR H 44 18.66 -23.39 5.75
C TYR H 44 17.26 -23.58 6.31
N VAL H 45 16.24 -23.43 5.46
CA VAL H 45 14.88 -23.75 5.88
C VAL H 45 14.79 -25.21 6.30
N TYR H 46 15.48 -26.09 5.58
CA TYR H 46 15.49 -27.50 5.95
C TYR H 46 16.17 -27.70 7.30
N LYS H 47 17.23 -26.95 7.56
CA LYS H 47 17.92 -27.03 8.85
C LYS H 47 17.01 -26.60 9.99
N VAL H 48 16.30 -25.48 9.82
CA VAL H 48 15.37 -25.02 10.85
C VAL H 48 14.25 -26.02 11.05
N LEU H 49 13.77 -26.63 9.96
CA LEU H 49 12.71 -27.62 10.07
C LEU H 49 13.19 -28.83 10.88
N LYS H 50 14.41 -29.30 10.60
CA LYS H 50 14.98 -30.37 11.41
C LYS H 50 15.24 -29.92 12.85
N GLN H 51 15.40 -28.61 13.08
CA GLN H 51 15.52 -28.12 14.45
C GLN H 51 14.19 -28.25 15.19
N VAL H 52 13.11 -27.77 14.58
CA VAL H 52 11.83 -27.75 15.28
C VAL H 52 11.00 -29.02 15.09
N HIS H 53 11.23 -29.76 14.00
CA HIS H 53 10.53 -31.02 13.74
C HIS H 53 11.51 -31.98 13.09
N PRO H 54 12.22 -32.77 13.88
CA PRO H 54 13.30 -33.60 13.32
C PRO H 54 12.83 -34.71 12.40
N ASP H 55 11.59 -35.17 12.55
CA ASP H 55 11.07 -36.26 11.72
C ASP H 55 10.32 -35.79 10.49
N THR H 56 9.75 -34.59 10.55
CA THR H 56 8.80 -34.16 9.53
C THR H 56 9.52 -33.64 8.29
N GLY H 57 8.95 -33.96 7.13
CA GLY H 57 9.46 -33.45 5.86
C GLY H 57 8.63 -32.29 5.35
N ILE H 58 8.98 -31.84 4.14
CA ILE H 58 8.37 -30.67 3.53
C ILE H 58 8.36 -30.86 2.02
N SER H 59 7.29 -30.41 1.38
CA SER H 59 7.17 -30.56 -0.06
C SER H 59 7.91 -29.44 -0.79
N SER H 60 8.12 -29.65 -2.10
CA SER H 60 8.86 -28.68 -2.88
C SER H 60 8.09 -27.39 -3.08
N LYS H 61 6.77 -27.50 -3.31
CA LYS H 61 5.94 -26.31 -3.42
C LYS H 61 6.02 -25.47 -2.15
N ALA H 62 5.92 -26.12 -0.99
CA ALA H 62 6.05 -25.41 0.27
C ALA H 62 7.44 -24.82 0.45
N MET H 63 8.46 -25.48 -0.10
CA MET H 63 9.81 -24.91 -0.07
C MET H 63 9.86 -23.61 -0.86
N GLY H 64 9.24 -23.59 -2.05
CA GLY H 64 9.18 -22.35 -2.81
C GLY H 64 8.41 -21.26 -2.08
N ILE H 65 7.32 -21.64 -1.41
CA ILE H 65 6.61 -20.70 -0.55
C ILE H 65 7.55 -20.11 0.49
N MET H 66 8.35 -20.96 1.14
CA MET H 66 9.24 -20.50 2.19
C MET H 66 10.28 -19.53 1.65
N ASN H 67 10.90 -19.88 0.52
CA ASN H 67 11.92 -19.01 -0.08
C ASN H 67 11.32 -17.66 -0.43
N SER H 68 10.17 -17.67 -1.11
CA SER H 68 9.49 -16.42 -1.44
C SER H 68 9.21 -15.58 -0.20
N PHE H 69 8.78 -16.23 0.88
CA PHE H 69 8.50 -15.50 2.12
C PHE H 69 9.76 -14.86 2.68
N VAL H 70 10.85 -15.64 2.78
CA VAL H 70 12.09 -15.10 3.33
C VAL H 70 12.57 -13.91 2.51
N ASN H 71 12.49 -14.01 1.18
CA ASN H 71 12.94 -12.90 0.35
C ASN H 71 12.06 -11.67 0.54
N ASP H 72 10.75 -11.86 0.63
CA ASP H 72 9.85 -10.71 0.84
C ASP H 72 10.14 -10.02 2.16
N ILE H 73 10.32 -10.79 3.24
CA ILE H 73 10.57 -10.18 4.54
C ILE H 73 11.92 -9.47 4.53
N PHE H 74 12.94 -10.10 3.96
CA PHE H 74 14.25 -9.45 3.83
C PHE H 74 14.12 -8.13 3.09
N GLU H 75 13.26 -8.10 2.05
CA GLU H 75 13.06 -6.87 1.29
C GLU H 75 12.41 -5.79 2.15
N ARG H 76 11.38 -6.15 2.91
CA ARG H 76 10.74 -5.18 3.80
C ARG H 76 11.76 -4.60 4.79
N ILE H 77 12.48 -5.47 5.49
CA ILE H 77 13.42 -5.00 6.52
C ILE H 77 14.49 -4.12 5.90
N ALA H 78 15.09 -4.59 4.80
CA ALA H 78 16.18 -3.83 4.18
C ALA H 78 15.69 -2.48 3.66
N GLY H 79 14.46 -2.44 3.13
CA GLY H 79 13.92 -1.17 2.65
C GLY H 79 13.71 -0.17 3.77
N GLU H 80 13.04 -0.60 4.84
CA GLU H 80 12.85 0.31 5.96
C GLU H 80 14.17 0.73 6.58
N ALA H 81 15.16 -0.16 6.58
CA ALA H 81 16.47 0.19 7.12
C ALA H 81 17.17 1.25 6.27
N SER H 82 17.09 1.10 4.94
CA SER H 82 17.67 2.11 4.06
C SER H 82 16.99 3.45 4.23
N ARG H 83 15.65 3.46 4.32
CA ARG H 83 14.94 4.71 4.53
C ARG H 83 15.33 5.35 5.84
N LEU H 84 15.42 4.55 6.92
CA LEU H 84 15.86 5.08 8.20
C LEU H 84 17.26 5.67 8.11
N ALA H 85 18.15 5.01 7.37
CA ALA H 85 19.50 5.55 7.16
C ALA H 85 19.44 6.92 6.48
N HIS H 86 18.65 7.03 5.42
CA HIS H 86 18.56 8.30 4.69
C HIS H 86 17.93 9.40 5.54
N TYR H 87 17.01 9.05 6.45
CA TYR H 87 16.29 10.06 7.21
C TYR H 87 17.17 10.84 8.17
N ASN H 88 18.32 10.28 8.58
CA ASN H 88 19.17 10.93 9.56
C ASN H 88 20.52 11.34 8.98
N LYS H 89 20.59 11.53 7.66
CA LYS H 89 21.84 11.88 6.96
C LYS H 89 22.97 10.90 7.30
N ARG H 90 22.60 9.67 7.66
CA ARG H 90 23.56 8.61 7.94
C ARG H 90 23.74 7.75 6.69
N SER H 91 24.99 7.34 6.44
CA SER H 91 25.30 6.55 5.26
C SER H 91 25.64 5.10 5.57
N THR H 92 25.54 4.67 6.83
CA THR H 92 25.81 3.30 7.20
C THR H 92 24.57 2.71 7.87
N ILE H 93 24.50 1.38 7.86
CA ILE H 93 23.39 0.64 8.47
C ILE H 93 23.99 -0.21 9.58
N THR H 94 23.74 0.19 10.83
CA THR H 94 24.08 -0.62 11.99
C THR H 94 22.87 -1.44 12.42
N SER H 95 23.11 -2.35 13.37
CA SER H 95 22.04 -3.21 13.87
C SER H 95 20.96 -2.41 14.59
N ARG H 96 21.25 -1.18 15.02
CA ARG H 96 20.22 -0.34 15.63
C ARG H 96 19.10 -0.05 14.64
N GLU H 97 19.46 0.21 13.37
CA GLU H 97 18.44 0.48 12.35
C GLU H 97 17.61 -0.77 12.06
N ILE H 98 18.26 -1.94 12.05
CA ILE H 98 17.51 -3.19 11.88
C ILE H 98 16.54 -3.38 13.05
N GLN H 99 16.98 -3.08 14.26
CA GLN H 99 16.10 -3.21 15.43
C GLN H 99 14.90 -2.28 15.33
N THR H 100 15.13 -1.02 14.92
CA THR H 100 14.03 -0.08 14.81
C THR H 100 13.08 -0.47 13.68
N ALA H 101 13.64 -1.00 12.59
CA ALA H 101 12.80 -1.44 11.48
C ALA H 101 11.95 -2.65 11.88
N VAL H 102 12.53 -3.57 12.65
CA VAL H 102 11.75 -4.69 13.17
C VAL H 102 10.65 -4.19 14.09
N ARG H 103 10.96 -3.21 14.93
CA ARG H 103 9.94 -2.64 15.80
C ARG H 103 8.84 -1.93 15.01
N LEU H 104 9.17 -1.43 13.82
CA LEU H 104 8.17 -0.74 13.00
C LEU H 104 7.34 -1.69 12.16
N LEU H 105 7.90 -2.82 11.73
CA LEU H 105 7.23 -3.68 10.76
C LEU H 105 6.54 -4.87 11.38
N LEU H 106 6.84 -5.21 12.63
CA LEU H 106 6.19 -6.36 13.25
C LEU H 106 5.21 -5.89 14.29
N PRO H 107 3.96 -6.35 14.27
CA PRO H 107 2.92 -5.69 15.07
C PRO H 107 2.70 -6.28 16.45
N GLY H 108 3.47 -5.83 17.44
CA GLY H 108 3.10 -6.07 18.82
C GLY H 108 3.78 -7.25 19.48
N GLU H 109 3.07 -8.38 19.52
CA GLU H 109 3.55 -9.54 20.27
C GLU H 109 4.76 -10.19 19.62
N LEU H 110 4.99 -9.94 18.33
CA LEU H 110 6.06 -10.58 17.60
C LEU H 110 7.37 -9.79 17.66
N ALA H 111 7.27 -8.46 17.65
CA ALA H 111 8.48 -7.63 17.62
C ALA H 111 9.31 -7.81 18.87
N LYS H 112 8.69 -8.05 20.03
CA LYS H 112 9.46 -8.25 21.24
C LYS H 112 10.35 -9.49 21.11
N HIS H 113 9.76 -10.62 20.73
CA HIS H 113 10.55 -11.84 20.57
C HIS H 113 11.61 -11.66 19.49
N ALA H 114 11.26 -10.99 18.39
CA ALA H 114 12.22 -10.80 17.31
C ALA H 114 13.42 -9.98 17.76
N VAL H 115 13.18 -8.87 18.45
CA VAL H 115 14.27 -8.04 18.97
C VAL H 115 15.09 -8.82 19.99
N SER H 116 14.44 -9.64 20.82
CA SER H 116 15.16 -10.43 21.80
C SER H 116 16.15 -11.38 21.12
N GLU H 117 15.67 -12.13 20.13
CA GLU H 117 16.55 -13.07 19.43
C GLU H 117 17.66 -12.33 18.67
N GLY H 118 17.34 -11.18 18.08
CA GLY H 118 18.35 -10.45 17.32
C GLY H 118 19.47 -9.92 18.20
N THR H 119 19.10 -9.25 19.30
CA THR H 119 20.12 -8.75 20.23
C THR H 119 20.88 -9.91 20.86
N LYS H 120 20.19 -11.02 21.13
CA LYS H 120 20.86 -12.21 21.64
C LYS H 120 21.94 -12.69 20.68
N ALA H 121 21.60 -12.80 19.39
CA ALA H 121 22.58 -13.26 18.40
C ALA H 121 23.74 -12.27 18.26
N VAL H 122 23.43 -10.98 18.31
CA VAL H 122 24.49 -9.97 18.16
C VAL H 122 25.45 -10.03 19.34
N THR H 123 24.92 -10.10 20.55
CA THR H 123 25.78 -10.20 21.72
C THR H 123 26.61 -11.48 21.71
N LYS H 124 25.98 -12.61 21.39
CA LYS H 124 26.70 -13.87 21.34
C LYS H 124 27.77 -13.87 20.25
N TYR H 125 27.57 -13.09 19.19
CA TYR H 125 28.56 -13.03 18.12
C TYR H 125 29.70 -12.09 18.48
N THR H 126 29.40 -10.98 19.15
CA THR H 126 30.44 -10.02 19.50
C THR H 126 31.31 -10.51 20.66
N SER H 127 30.69 -11.08 21.69
CA SER H 127 31.44 -11.51 22.87
C SER H 127 32.39 -12.65 22.60
N ALA H 128 32.23 -13.37 21.49
CA ALA H 128 33.11 -14.48 21.16
C ALA H 128 33.08 -14.77 19.66
#